data_8JFT
#
_entry.id   8JFT
#
loop_
_entity.id
_entity.type
_entity.pdbx_description
1 polymer 'CRISPR-associated endonuclease Cas9'
2 polymer 'sgRNA of SaCas9'
3 polymer AcrIIA15
#
loop_
_entity_poly.entity_id
_entity_poly.type
_entity_poly.pdbx_seq_one_letter_code
_entity_poly.pdbx_strand_id
1 'polypeptide(L)'
;MKRNYILGLDIGITSVGYGIIDYETRDVIDAGVRLFKEANVENNEGRRSKRGARRLKRRRRHRIQRVKKLLFDYNLLTDH
SELSGINPYEARVKGLSQKLSEEEFSAALLHLAKRRGVHNVNEVEEDTGNELSTKEQISRNSKALEEKYVAELQLERLKK
DGEVRGSINRFKTSDYVKEAKQLLKVQKAYHQLDQSFIDTYIDLLETRRTYYEGPGEGSPFGWKDIKEWYEMLMGHCTYF
PEELRSVKYAYNADLYNALNDLNNLVITRDENEKLEYYEKFQIIENVFKQKKKPTLKQIAKEILVNEEDIKGYRVTSTGK
PEFTNLKVYHDIKDITARKEIIENAELLDQIAKILTIYQSSEDIQEELTNLNSELTQEEIEQISNLKGYTGTHNLSLKAI
NLILDELWHTNDNQIAIFNRLKLVPKKVDLSQQKEIPTTLVDDFILSPVVKRSFIQSIKVINAIIKKYGLPNDIIIELAR
EKNSKDAQKMINEMQKRNRQTNERIEEIIRTTGKENAKYLIEKIKLHDMQEGKCLYSLEAIPLEDLLNNPFNYEVDHIIP
RSVSFDNSFNNKVLVKQEENSKKGNRTPFQYLSSSDSKISYETFKKHILNLAKGKGRISKTKKEYLLEERDINRFSVQKD
FINRNLVDTRYATRGLMNLLRSYFRVNNLDVKVKSINGGFTSFLRRKWKFKKERNKGYKHHAEDALIIANADFIFKEWKK
LDKAKKVMENQMFEEKQAESMPEIETEQEYKEIFITPHQIKHIKDFKDYKYSHRVDKKPNRELINDTLYSTRKDDKGNTL
IVNNLNGLYDKDNDKLKKLINKSPEKLLMYHHDPQTYQKLKLIMEQYGDEKNPLYKYYEETGNYLTKYSKKDNGPVIKKI
KYYGNKLNAHLDITDDYPNSRNKVVKLSLKPYRFDVYLDNGVYKFVTVKNLDVIKKENYYEVNSKCYEEAKKLKKISNQA
EFIASFYNNDLIKINGELYRVIGVNNDLLNRIEVNMIDITYREYLENMNDKRPPRIIKTIASKTQSIKKYSTDILGNLYE
VKSKKHPQIIKKG
;
A
2 'polyribonucleotide'
;GGUCUGCUAUUUCUAUUUACGUUUUAGUACUCUGGAAACAGAAUCUACUAAAACAAGGCAAAAUGCCGUGUUUAUCUCGU
CAACUUGUUGGCGAGAUC
;
B
3 'polypeptide(L)'
;MEKVDTWIVYRGRTADMNKSYIAEGSTYEEVYNNFVDKYGYDVLDEDIYEIQLLKKNGENLDDYDVDSDGINNYDKLDEF
RESDYVDLEDYDYRELFENSSSQVYYHEFEITHE
;
C
#
loop_
_chem_comp.id
_chem_comp.type
_chem_comp.name
_chem_comp.formula
A RNA linking ADENOSINE-5'-MONOPHOSPHATE 'C10 H14 N5 O7 P'
C RNA linking CYTIDINE-5'-MONOPHOSPHATE 'C9 H14 N3 O8 P'
G RNA linking GUANOSINE-5'-MONOPHOSPHATE 'C10 H14 N5 O8 P'
U RNA linking URIDINE-5'-MONOPHOSPHATE 'C9 H13 N2 O9 P'
#
# COMPACT_ATOMS: atom_id res chain seq x y z
N MET A 1 -37.01 15.88 -8.11
CA MET A 1 -37.84 15.86 -9.32
C MET A 1 -36.99 15.90 -10.57
N LYS A 2 -37.51 16.52 -11.62
CA LYS A 2 -36.81 16.66 -12.89
C LYS A 2 -36.19 18.05 -12.95
N ARG A 3 -34.88 18.12 -12.73
CA ARG A 3 -34.14 19.37 -12.75
C ARG A 3 -32.80 19.14 -13.43
N ASN A 4 -32.54 19.88 -14.50
CA ASN A 4 -31.26 19.78 -15.18
C ASN A 4 -30.13 20.20 -14.26
N TYR A 5 -29.08 19.38 -14.20
CA TYR A 5 -27.98 19.64 -13.28
C TYR A 5 -26.69 19.03 -13.81
N ILE A 6 -25.58 19.63 -13.42
CA ILE A 6 -24.24 19.13 -13.72
C ILE A 6 -23.69 18.52 -12.44
N LEU A 7 -23.14 17.32 -12.55
CA LEU A 7 -22.58 16.63 -11.39
C LEU A 7 -21.07 16.63 -11.47
N GLY A 8 -20.43 16.94 -10.35
CA GLY A 8 -18.99 16.95 -10.25
C GLY A 8 -18.51 16.01 -9.16
N LEU A 9 -17.40 15.33 -9.43
CA LEU A 9 -16.82 14.38 -8.48
C LEU A 9 -15.37 14.75 -8.21
N ASP A 10 -14.97 14.62 -6.96
CA ASP A 10 -13.58 14.69 -6.53
C ASP A 10 -13.28 13.34 -5.89
N ILE A 11 -12.66 12.45 -6.65
CA ILE A 11 -12.41 11.08 -6.21
C ILE A 11 -11.00 11.04 -5.61
N GLY A 12 -10.90 11.26 -4.30
CA GLY A 12 -9.64 11.19 -3.61
C GLY A 12 -9.18 9.77 -3.37
N ILE A 13 -8.40 9.59 -2.31
CA ILE A 13 -7.94 8.27 -1.92
C ILE A 13 -8.66 7.83 -0.65
N THR A 14 -9.15 8.81 0.12
CA THR A 14 -9.87 8.53 1.36
C THR A 14 -11.22 9.21 1.39
N SER A 15 -11.72 9.67 0.24
CA SER A 15 -13.00 10.35 0.20
C SER A 15 -13.46 10.46 -1.25
N VAL A 16 -14.76 10.67 -1.43
CA VAL A 16 -15.36 10.88 -2.75
C VAL A 16 -16.36 12.02 -2.58
N GLY A 17 -15.98 13.21 -3.02
CA GLY A 17 -16.87 14.35 -2.91
C GLY A 17 -17.74 14.52 -4.14
N TYR A 18 -19.00 14.88 -3.90
CA TYR A 18 -19.96 15.07 -4.98
C TYR A 18 -20.56 16.47 -4.86
N GLY A 19 -20.81 17.09 -6.00
CA GLY A 19 -21.45 18.39 -6.04
C GLY A 19 -22.44 18.49 -7.18
N ILE A 20 -23.51 19.25 -6.95
CA ILE A 20 -24.57 19.45 -7.92
C ILE A 20 -24.64 20.92 -8.25
N ILE A 21 -24.68 21.26 -9.54
CA ILE A 21 -24.78 22.64 -9.99
C ILE A 21 -25.96 22.76 -10.94
N ASP A 22 -26.76 23.82 -10.76
CA ASP A 22 -27.83 24.11 -11.71
C ASP A 22 -27.26 24.38 -13.08
N TYR A 23 -27.87 23.79 -14.12
CA TYR A 23 -27.43 24.01 -15.48
C TYR A 23 -27.61 25.47 -15.88
N GLU A 24 -28.62 26.14 -15.33
CA GLU A 24 -28.96 27.49 -15.79
C GLU A 24 -28.32 28.55 -14.90
N THR A 25 -28.59 28.52 -13.60
CA THR A 25 -28.32 29.64 -12.72
C THR A 25 -27.05 29.51 -11.89
N ARG A 26 -26.19 28.53 -12.19
CA ARG A 26 -24.96 28.29 -11.43
C ARG A 26 -25.25 28.01 -9.96
N ASP A 27 -26.44 27.49 -9.68
CA ASP A 27 -26.87 27.31 -8.31
C ASP A 27 -26.24 26.04 -7.73
N VAL A 28 -26.49 25.74 -6.45
CA VAL A 28 -25.95 24.55 -5.82
C VAL A 28 -27.09 23.80 -5.16
N ILE A 29 -27.60 22.77 -5.83
CA ILE A 29 -28.69 21.98 -5.28
C ILE A 29 -28.25 21.25 -4.02
N ASP A 30 -27.12 20.53 -4.10
CA ASP A 30 -26.65 19.76 -2.97
C ASP A 30 -25.18 19.42 -3.17
N ALA A 31 -24.45 19.41 -2.07
CA ALA A 31 -23.04 19.05 -2.05
C ALA A 31 -22.84 18.02 -0.95
N GLY A 32 -21.69 17.37 -0.96
CA GLY A 32 -21.36 16.44 0.10
C GLY A 32 -20.11 15.66 -0.22
N VAL A 33 -19.77 14.75 0.70
CA VAL A 33 -18.61 13.89 0.54
C VAL A 33 -18.85 12.58 1.27
N ARG A 34 -18.65 11.47 0.57
CA ARG A 34 -18.67 10.15 1.18
C ARG A 34 -17.26 9.82 1.65
N LEU A 35 -17.17 9.19 2.81
CA LEU A 35 -15.88 8.86 3.40
C LEU A 35 -15.75 7.35 3.58
N PHE A 36 -14.50 6.93 3.75
CA PHE A 36 -14.19 5.52 3.97
C PHE A 36 -12.76 5.43 4.46
N LYS A 37 -12.51 4.46 5.34
CA LYS A 37 -11.16 4.21 5.80
C LYS A 37 -10.28 3.85 4.61
N GLU A 38 -9.05 4.37 4.61
CA GLU A 38 -8.16 4.19 3.47
C GLU A 38 -7.92 2.71 3.20
N ALA A 39 -8.15 2.29 1.96
CA ALA A 39 -7.83 0.88 1.68
C ALA A 39 -6.31 0.72 1.66
N ASN A 40 -5.81 -0.40 2.11
CA ASN A 40 -4.35 -0.63 2.10
C ASN A 40 -4.11 -2.03 1.56
N VAL A 41 -3.06 -2.22 0.77
CA VAL A 41 -2.74 -3.59 0.30
C VAL A 41 -2.40 -4.43 1.52
N GLU A 42 -1.70 -3.85 2.50
CA GLU A 42 -1.24 -4.65 3.68
C GLU A 42 -2.33 -5.57 4.24
N ASN A 43 -3.52 -5.07 4.56
CA ASN A 43 -4.51 -5.94 5.19
C ASN A 43 -4.66 -7.25 4.43
N ASN A 44 -4.86 -7.15 3.11
CA ASN A 44 -5.03 -8.36 2.31
C ASN A 44 -3.75 -9.19 2.27
N GLU A 45 -2.64 -8.49 2.43
CA GLU A 45 -1.40 -9.27 2.50
C GLU A 45 -1.51 -9.97 3.83
N GLY A 46 -2.16 -9.36 4.78
CA GLY A 46 -2.34 -10.08 6.05
C GLY A 46 -3.17 -11.32 5.91
N ARG A 47 -4.37 -11.20 5.39
CA ARG A 47 -5.19 -12.40 5.39
C ARG A 47 -4.41 -13.40 4.59
N ARG A 48 -3.82 -13.02 3.46
CA ARG A 48 -3.17 -14.06 2.60
C ARG A 48 -1.99 -14.67 3.29
N SER A 49 -1.14 -13.89 3.93
CA SER A 49 0.01 -14.58 4.53
C SER A 49 -0.50 -15.48 5.62
N LYS A 50 -1.52 -15.05 6.33
CA LYS A 50 -1.87 -15.96 7.42
C LYS A 50 -2.44 -17.21 6.79
N ARG A 51 -3.27 -17.08 5.77
CA ARG A 51 -3.97 -18.27 5.24
C ARG A 51 -2.84 -19.18 4.86
N GLY A 52 -1.81 -18.60 4.31
CA GLY A 52 -0.68 -19.39 3.86
C GLY A 52 -0.09 -20.10 5.05
N ALA A 53 -0.09 -19.47 6.20
CA ALA A 53 0.41 -20.22 7.37
C ALA A 53 -0.58 -21.29 7.78
N ARG A 54 -1.80 -20.94 8.09
CA ARG A 54 -2.71 -21.96 8.64
C ARG A 54 -2.52 -23.18 7.77
N ARG A 55 -2.34 -22.95 6.49
CA ARG A 55 -2.28 -24.12 5.62
C ARG A 55 -1.02 -24.93 5.90
N LEU A 56 0.11 -24.26 6.10
CA LEU A 56 1.34 -24.98 6.42
C LEU A 56 1.20 -25.74 7.72
N LYS A 57 0.64 -25.11 8.75
CA LYS A 57 0.43 -25.80 10.02
C LYS A 57 -0.51 -26.99 9.86
N ARG A 58 -1.59 -26.82 9.10
CA ARG A 58 -2.54 -27.90 8.88
C ARG A 58 -1.88 -29.07 8.16
N ARG A 59 -1.08 -28.77 7.14
CA ARG A 59 -0.41 -29.84 6.39
C ARG A 59 0.61 -30.56 7.26
N ARG A 60 1.35 -29.83 8.10
CA ARG A 60 2.30 -30.48 9.00
C ARG A 60 1.57 -31.40 9.99
N ARG A 61 0.49 -30.90 10.58
CA ARG A 61 -0.28 -31.72 11.51
C ARG A 61 -0.87 -32.94 10.81
N HIS A 62 -1.36 -32.76 9.58
CA HIS A 62 -1.95 -33.87 8.86
C HIS A 62 -0.91 -34.93 8.49
N ARG A 63 0.29 -34.49 8.09
CA ARG A 63 1.35 -35.46 7.81
C ARG A 63 1.75 -36.21 9.06
N ILE A 64 1.85 -35.51 10.21
CA ILE A 64 2.17 -36.20 11.46
C ILE A 64 1.09 -37.22 11.79
N GLN A 65 -0.17 -36.83 11.65
CA GLN A 65 -1.30 -37.70 11.95
C GLN A 65 -1.32 -38.92 11.04
N ARG A 66 -1.05 -38.71 9.74
CA ARG A 66 -1.04 -39.82 8.80
C ARG A 66 0.10 -40.78 9.08
N VAL A 67 1.28 -40.25 9.42
CA VAL A 67 2.40 -41.14 9.78
C VAL A 67 2.07 -41.91 11.05
N LYS A 68 1.46 -41.25 12.03
CA LYS A 68 1.09 -41.93 13.27
C LYS A 68 0.07 -43.04 13.00
N LYS A 69 -0.91 -42.77 12.13
CA LYS A 69 -1.89 -43.80 11.78
C LYS A 69 -1.23 -44.95 11.05
N LEU A 70 -0.30 -44.65 10.14
CA LEU A 70 0.39 -45.70 9.41
C LEU A 70 1.19 -46.59 10.36
N LEU A 71 1.84 -45.98 11.37
CA LEU A 71 2.71 -46.79 12.26
C LEU A 71 1.83 -47.62 13.20
N PHE A 72 0.58 -47.21 13.40
CA PHE A 72 -0.35 -48.04 14.22
C PHE A 72 -0.63 -49.29 13.38
N ASP A 73 -0.68 -49.10 12.08
CA ASP A 73 -1.04 -50.23 11.19
C ASP A 73 0.01 -51.33 11.31
N TYR A 74 1.28 -50.96 11.38
CA TYR A 74 2.34 -52.01 11.40
C TYR A 74 2.66 -52.38 12.86
N ASN A 75 1.97 -51.77 13.83
CA ASN A 75 2.11 -52.12 15.26
C ASN A 75 3.42 -51.53 15.82
N LEU A 76 4.16 -50.79 15.01
CA LEU A 76 5.40 -50.14 15.49
C LEU A 76 5.04 -49.06 16.52
N LEU A 77 3.97 -48.30 16.31
CA LEU A 77 3.54 -47.32 17.35
C LEU A 77 2.18 -47.75 17.92
N THR A 78 2.05 -47.81 19.25
CA THR A 78 0.75 -48.14 19.90
C THR A 78 0.47 -47.10 20.96
N ASP A 79 -0.79 -46.93 21.39
CA ASP A 79 -1.14 -45.85 22.34
C ASP A 79 -0.38 -46.04 23.66
N HIS A 80 -0.21 -47.29 24.11
CA HIS A 80 0.49 -47.58 25.39
C HIS A 80 1.95 -47.11 25.34
N SER A 81 2.61 -47.22 24.18
CA SER A 81 4.05 -46.88 24.08
C SER A 81 4.32 -45.43 24.48
N GLU A 82 5.44 -45.18 25.15
CA GLU A 82 5.79 -43.82 25.62
C GLU A 82 6.91 -43.25 24.75
N LEU A 83 6.63 -42.20 23.98
CA LEU A 83 7.65 -41.59 23.09
C LEU A 83 8.26 -40.37 23.78
N SER A 84 7.91 -40.14 25.05
CA SER A 84 8.36 -38.91 25.76
C SER A 84 9.88 -38.81 25.92
N GLY A 85 10.55 -39.89 26.34
CA GLY A 85 11.99 -39.79 26.68
C GLY A 85 12.92 -39.95 25.50
N ILE A 86 12.47 -40.57 24.41
CA ILE A 86 13.39 -40.86 23.28
C ILE A 86 13.92 -39.56 22.70
N ASN A 87 15.22 -39.49 22.42
CA ASN A 87 15.77 -38.27 21.77
C ASN A 87 15.77 -38.52 20.26
N PRO A 88 15.24 -37.62 19.42
CA PRO A 88 15.15 -37.90 18.00
C PRO A 88 16.52 -38.01 17.33
N TYR A 89 17.39 -37.03 17.57
CA TYR A 89 18.65 -37.02 16.82
C TYR A 89 19.47 -38.26 17.16
N GLU A 90 19.54 -38.64 18.43
CA GLU A 90 20.41 -39.79 18.81
C GLU A 90 19.87 -41.09 18.22
N ALA A 91 18.56 -41.24 18.15
CA ALA A 91 17.92 -42.44 17.55
C ALA A 91 18.17 -42.48 16.05
N ARG A 92 18.05 -41.37 15.33
CA ARG A 92 18.28 -41.48 13.87
C ARG A 92 19.71 -41.94 13.65
N VAL A 93 20.67 -41.36 14.40
CA VAL A 93 22.06 -41.80 14.09
C VAL A 93 22.21 -43.30 14.43
N LYS A 94 21.63 -43.75 15.55
CA LYS A 94 21.83 -45.17 15.94
C LYS A 94 21.22 -46.03 14.84
N GLY A 95 20.00 -45.71 14.44
CA GLY A 95 19.26 -46.53 13.46
C GLY A 95 19.87 -46.52 12.09
N LEU A 96 20.74 -45.56 11.80
CA LEU A 96 21.45 -45.63 10.49
C LEU A 96 22.27 -46.91 10.54
N SER A 97 22.23 -47.60 11.67
CA SER A 97 22.97 -48.87 11.85
C SER A 97 22.34 -49.62 13.02
N GLN A 98 22.95 -50.71 13.48
CA GLN A 98 22.43 -51.40 14.70
C GLN A 98 20.94 -51.70 14.56
N LYS A 99 20.17 -51.39 15.59
CA LYS A 99 18.71 -51.62 15.55
C LYS A 99 18.03 -50.51 16.35
N LEU A 100 16.78 -50.20 16.05
CA LEU A 100 16.04 -49.21 16.87
C LEU A 100 14.93 -49.95 17.60
N SER A 101 14.67 -49.57 18.85
CA SER A 101 13.52 -50.17 19.60
C SER A 101 12.24 -49.62 18.97
N GLU A 102 11.09 -50.24 19.20
CA GLU A 102 9.85 -49.83 18.49
C GLU A 102 9.56 -48.35 18.75
N GLU A 103 9.77 -47.90 19.98
CA GLU A 103 9.53 -46.48 20.30
C GLU A 103 10.55 -45.63 19.54
N GLU A 104 11.84 -45.82 19.79
CA GLU A 104 12.86 -44.95 19.14
C GLU A 104 12.59 -44.82 17.66
N PHE A 105 12.23 -45.93 17.01
CA PHE A 105 11.97 -45.90 15.55
C PHE A 105 10.80 -44.99 15.28
N SER A 106 9.77 -45.11 16.10
CA SER A 106 8.58 -44.30 15.79
C SER A 106 9.00 -42.87 15.93
N ALA A 107 9.78 -42.59 16.97
CA ALA A 107 10.12 -41.19 17.21
C ALA A 107 10.85 -40.69 16.00
N ALA A 108 11.79 -41.47 15.52
CA ALA A 108 12.59 -40.97 14.39
C ALA A 108 11.72 -40.75 13.16
N LEU A 109 10.84 -41.68 12.82
CA LEU A 109 10.08 -41.42 11.58
C LEU A 109 9.24 -40.17 11.80
N LEU A 110 8.51 -40.14 12.90
CA LEU A 110 7.62 -38.98 13.11
C LEU A 110 8.55 -37.80 13.02
N HIS A 111 9.77 -37.95 13.52
CA HIS A 111 10.61 -36.75 13.54
C HIS A 111 10.94 -36.26 12.13
N LEU A 112 11.34 -37.13 11.21
CA LEU A 112 11.76 -36.59 9.88
C LEU A 112 10.52 -35.95 9.30
N ALA A 113 9.38 -36.58 9.51
CA ALA A 113 8.16 -36.10 8.86
C ALA A 113 7.85 -34.69 9.34
N LYS A 114 8.09 -34.41 10.60
CA LYS A 114 7.70 -33.09 11.08
C LYS A 114 8.48 -32.13 10.22
N ARG A 115 9.70 -32.50 9.86
CA ARG A 115 10.53 -31.53 9.09
C ARG A 115 11.13 -32.13 7.80
N ARG A 116 10.45 -32.05 6.66
CA ARG A 116 10.92 -32.56 5.36
C ARG A 116 11.98 -31.67 4.74
N GLY A 117 11.95 -30.37 4.93
CA GLY A 117 12.92 -29.51 4.24
C GLY A 117 12.47 -29.03 2.87
N VAL A 118 13.20 -28.08 2.24
CA VAL A 118 12.76 -27.48 0.95
C VAL A 118 13.03 -28.43 -0.20
N HIS A 119 12.31 -28.27 -1.32
CA HIS A 119 12.45 -29.17 -2.51
C HIS A 119 13.05 -28.39 -3.68
N ASN A 120 12.32 -27.41 -4.20
CA ASN A 120 12.91 -26.55 -5.26
C ASN A 120 13.77 -25.52 -4.55
N VAL A 121 15.07 -25.49 -4.81
CA VAL A 121 15.94 -24.63 -3.97
C VAL A 121 15.52 -23.16 -4.05
N ASN A 122 15.16 -22.67 -5.23
CA ASN A 122 14.87 -21.22 -5.34
C ASN A 122 13.41 -20.97 -5.03
N GLU A 123 12.63 -22.04 -4.80
CA GLU A 123 11.16 -21.86 -4.64
C GLU A 123 10.89 -21.00 -3.41
N VAL A 124 11.84 -20.90 -2.49
CA VAL A 124 11.58 -20.19 -1.22
C VAL A 124 11.23 -18.72 -1.47
N GLU A 125 10.29 -18.18 -0.69
CA GLU A 125 9.87 -16.76 -0.81
C GLU A 125 10.07 -16.07 0.55
N GLU A 126 11.23 -15.44 0.79
CA GLU A 126 11.49 -14.87 2.10
C GLU A 126 12.59 -13.82 1.98
N ASP A 127 12.67 -12.95 2.99
CA ASP A 127 13.65 -11.88 3.01
C ASP A 127 14.99 -12.40 3.54
N THR A 128 16.05 -11.67 3.21
CA THR A 128 17.41 -12.01 3.62
C THR A 128 17.81 -11.38 4.94
N GLY A 129 16.85 -11.11 5.83
CA GLY A 129 17.19 -10.51 7.11
C GLY A 129 18.06 -11.40 7.98
N ASN A 130 18.03 -12.71 7.72
CA ASN A 130 18.87 -13.64 8.48
C ASN A 130 20.34 -13.51 8.15
N GLU A 131 20.68 -12.73 7.13
CA GLU A 131 22.03 -12.44 6.62
C GLU A 131 22.61 -13.63 5.85
N LEU A 132 21.89 -14.74 5.74
CA LEU A 132 22.31 -15.89 4.95
C LEU A 132 21.16 -16.30 4.06
N SER A 133 21.36 -16.25 2.75
CA SER A 133 20.31 -16.58 1.81
C SER A 133 20.03 -18.08 1.84
N THR A 134 18.82 -18.45 1.41
CA THR A 134 18.43 -19.85 1.42
C THR A 134 19.31 -20.70 0.51
N LYS A 135 19.55 -20.23 -0.72
CA LYS A 135 20.36 -20.99 -1.67
C LYS A 135 21.79 -21.16 -1.17
N GLU A 136 22.38 -20.09 -0.64
CA GLU A 136 23.73 -20.19 -0.11
C GLU A 136 23.78 -21.13 1.09
N GLN A 137 22.75 -21.12 1.93
CA GLN A 137 22.71 -22.02 3.08
C GLN A 137 22.66 -23.47 2.63
N ILE A 138 21.80 -23.79 1.65
CA ILE A 138 21.76 -25.17 1.15
C ILE A 138 23.07 -25.53 0.48
N SER A 139 23.70 -24.57 -0.21
CA SER A 139 24.98 -24.85 -0.85
C SER A 139 26.04 -25.22 0.16
N ARG A 140 26.15 -24.43 1.24
CA ARG A 140 27.12 -24.74 2.29
C ARG A 140 26.81 -26.08 2.96
N ASN A 141 25.53 -26.34 3.24
CA ASN A 141 25.17 -27.60 3.88
C ASN A 141 25.51 -28.79 2.99
N SER A 142 25.20 -28.69 1.70
CA SER A 142 25.53 -29.77 0.76
C SER A 142 27.04 -29.95 0.66
N LYS A 143 27.79 -28.85 0.63
CA LYS A 143 29.24 -28.94 0.64
C LYS A 143 29.75 -29.62 1.90
N ALA A 144 29.03 -29.48 3.01
CA ALA A 144 29.37 -30.18 4.24
C ALA A 144 28.82 -31.60 4.29
N LEU A 145 27.83 -31.92 3.46
CA LEU A 145 27.14 -33.24 3.61
C LEU A 145 27.63 -34.25 2.57
N GLU A 146 28.86 -34.13 2.11
CA GLU A 146 29.32 -35.02 1.02
C GLU A 146 29.31 -36.48 1.46
N GLU A 147 29.82 -36.78 2.66
CA GLU A 147 29.93 -38.20 3.10
C GLU A 147 29.08 -38.44 4.35
N LYS A 148 28.47 -37.38 4.89
CA LYS A 148 27.69 -37.53 6.14
C LYS A 148 26.22 -37.28 5.84
N TYR A 149 25.34 -38.09 6.40
CA TYR A 149 23.89 -37.86 6.22
C TYR A 149 23.44 -36.72 7.12
N VAL A 150 22.19 -36.32 7.05
CA VAL A 150 21.63 -35.19 7.78
C VAL A 150 21.77 -35.40 9.28
N ALA A 151 21.29 -36.54 9.76
CA ALA A 151 21.30 -36.76 11.22
C ALA A 151 22.72 -36.58 11.72
N GLU A 152 23.71 -37.09 10.98
CA GLU A 152 25.07 -36.98 11.54
C GLU A 152 25.39 -35.50 11.69
N LEU A 153 25.10 -34.70 10.68
CA LEU A 153 25.50 -33.27 10.78
C LEU A 153 24.73 -32.65 11.95
N GLN A 154 23.44 -32.92 12.07
CA GLN A 154 22.69 -32.21 13.15
C GLN A 154 23.24 -32.63 14.52
N LEU A 155 23.55 -33.91 14.71
CA LEU A 155 24.02 -34.37 16.04
C LEU A 155 25.38 -33.72 16.31
N GLU A 156 26.22 -33.64 15.29
CA GLU A 156 27.57 -33.07 15.51
C GLU A 156 27.38 -31.61 15.93
N ARG A 157 26.39 -30.93 15.33
CA ARG A 157 26.22 -29.50 15.65
C ARG A 157 25.74 -29.39 17.10
N LEU A 158 24.88 -30.31 17.55
CA LEU A 158 24.31 -30.21 18.94
C LEU A 158 25.41 -30.47 19.97
N LYS A 159 26.34 -31.37 19.65
CA LYS A 159 27.39 -31.72 20.64
C LYS A 159 28.50 -30.66 20.63
N LYS A 160 28.80 -30.07 19.47
CA LYS A 160 29.90 -29.10 19.43
C LYS A 160 29.43 -27.68 19.68
N ASP A 161 28.47 -27.17 18.89
CA ASP A 161 27.95 -25.83 19.08
C ASP A 161 26.92 -25.73 20.19
N GLY A 162 26.34 -26.86 20.60
CA GLY A 162 25.30 -26.86 21.62
C GLY A 162 23.91 -26.54 21.13
N GLU A 163 23.73 -26.26 19.83
CA GLU A 163 22.43 -25.93 19.28
C GLU A 163 22.21 -26.68 17.97
N VAL A 164 20.95 -26.87 17.63
CA VAL A 164 20.53 -27.42 16.35
C VAL A 164 19.60 -26.47 15.62
N ARG A 165 18.59 -25.95 16.33
CA ARG A 165 17.64 -25.06 15.71
C ARG A 165 18.28 -23.71 15.38
N GLY A 166 17.57 -22.92 14.56
CA GLY A 166 18.03 -21.63 14.11
C GLY A 166 18.00 -21.56 12.60
N SER A 167 18.72 -20.58 12.06
CA SER A 167 18.79 -20.43 10.61
C SER A 167 19.84 -21.33 9.97
N ILE A 168 20.57 -22.12 10.75
CA ILE A 168 21.58 -23.02 10.21
C ILE A 168 21.01 -24.37 9.82
N ASN A 169 19.76 -24.67 10.21
CA ASN A 169 19.16 -25.98 10.00
C ASN A 169 18.17 -25.97 8.83
N ARG A 170 18.49 -25.25 7.76
CA ARG A 170 17.67 -25.24 6.55
C ARG A 170 18.33 -26.17 5.54
N PHE A 171 17.64 -27.24 5.19
CA PHE A 171 18.21 -28.32 4.38
C PHE A 171 17.40 -28.49 3.09
N LYS A 172 17.71 -29.54 2.35
CA LYS A 172 16.98 -29.90 1.14
C LYS A 172 16.36 -31.27 1.29
N THR A 173 15.19 -31.45 0.67
CA THR A 173 14.38 -32.64 0.89
C THR A 173 15.10 -33.91 0.42
N SER A 174 15.97 -33.80 -0.58
CA SER A 174 16.64 -34.98 -1.12
C SER A 174 17.49 -35.67 -0.06
N ASP A 175 18.22 -34.90 0.75
CA ASP A 175 19.03 -35.50 1.81
C ASP A 175 18.17 -36.17 2.87
N TYR A 176 17.03 -35.57 3.19
CA TYR A 176 16.10 -36.20 4.13
C TYR A 176 15.59 -37.52 3.58
N VAL A 177 15.26 -37.55 2.29
CA VAL A 177 14.80 -38.79 1.67
C VAL A 177 15.89 -39.84 1.71
N LYS A 178 17.12 -39.44 1.41
CA LYS A 178 18.25 -40.38 1.44
C LYS A 178 18.43 -40.95 2.84
N GLU A 179 18.40 -40.10 3.86
CA GLU A 179 18.53 -40.58 5.24
C GLU A 179 17.40 -41.51 5.61
N ALA A 180 16.17 -41.16 5.23
CA ALA A 180 15.02 -42.00 5.57
C ALA A 180 15.15 -43.37 4.95
N LYS A 181 15.46 -43.43 3.66
CA LYS A 181 15.57 -44.74 3.01
C LYS A 181 16.78 -45.52 3.53
N GLN A 182 17.88 -44.84 3.86
CA GLN A 182 19.04 -45.53 4.41
C GLN A 182 18.72 -46.16 5.76
N LEU A 183 18.05 -45.42 6.64
CA LEU A 183 17.71 -45.98 7.95
C LEU A 183 16.66 -47.08 7.81
N LEU A 184 15.72 -46.91 6.89
CA LEU A 184 14.66 -47.90 6.70
C LEU A 184 15.20 -49.20 6.14
N LYS A 185 16.18 -49.13 5.23
CA LYS A 185 16.76 -50.35 4.67
C LYS A 185 17.42 -51.20 5.75
N VAL A 186 17.94 -50.58 6.79
CA VAL A 186 18.53 -51.30 7.91
C VAL A 186 17.47 -51.78 8.88
N GLN A 187 16.52 -50.91 9.24
CA GLN A 187 15.54 -51.24 10.27
C GLN A 187 14.48 -52.21 9.78
N LYS A 188 14.34 -52.41 8.46
CA LYS A 188 13.36 -53.36 7.97
C LYS A 188 13.81 -54.80 8.14
N ALA A 189 15.11 -55.02 8.37
CA ALA A 189 15.64 -56.37 8.55
C ALA A 189 15.30 -56.95 9.91
N TYR A 190 14.91 -56.13 10.88
CA TYR A 190 14.60 -56.60 12.22
C TYR A 190 13.11 -56.54 12.55
N HIS A 191 12.34 -55.66 11.92
CA HIS A 191 10.93 -55.51 12.20
C HIS A 191 10.12 -55.90 10.96
N GLN A 192 8.82 -56.13 11.19
CA GLN A 192 7.93 -56.58 10.12
C GLN A 192 7.54 -55.42 9.21
N LEU A 193 8.28 -55.26 8.11
CA LEU A 193 8.03 -54.21 7.13
C LEU A 193 7.86 -54.82 5.75
N ASP A 194 7.17 -54.06 4.89
CA ASP A 194 6.98 -54.44 3.49
C ASP A 194 7.33 -53.26 2.60
N GLN A 195 7.64 -53.56 1.34
CA GLN A 195 8.02 -52.51 0.40
C GLN A 195 6.89 -51.51 0.21
N SER A 196 5.63 -51.95 0.35
CA SER A 196 4.52 -51.02 0.27
C SER A 196 4.59 -49.98 1.37
N PHE A 197 4.91 -50.41 2.60
CA PHE A 197 5.07 -49.46 3.70
C PHE A 197 6.23 -48.52 3.43
N ILE A 198 7.32 -49.04 2.88
CA ILE A 198 8.49 -48.22 2.59
C ILE A 198 8.13 -47.12 1.60
N ASP A 199 7.46 -47.50 0.51
CA ASP A 199 7.06 -46.53 -0.50
C ASP A 199 6.06 -45.52 0.07
N THR A 200 5.12 -45.99 0.90
CA THR A 200 4.15 -45.08 1.49
C THR A 200 4.84 -44.06 2.38
N TYR A 201 5.80 -44.50 3.19
CA TYR A 201 6.48 -43.58 4.10
C TYR A 201 7.33 -42.58 3.31
N ILE A 202 8.06 -43.04 2.30
CA ILE A 202 8.86 -42.12 1.49
C ILE A 202 7.97 -41.11 0.79
N ASP A 203 6.83 -41.56 0.26
CA ASP A 203 5.89 -40.66 -0.37
C ASP A 203 5.40 -39.61 0.62
N LEU A 204 4.95 -40.05 1.80
CA LEU A 204 4.49 -39.10 2.82
C LEU A 204 5.59 -38.11 3.19
N LEU A 205 6.84 -38.56 3.19
CA LEU A 205 7.94 -37.67 3.56
C LEU A 205 8.20 -36.63 2.48
N GLU A 206 8.16 -36.99 1.20
CA GLU A 206 8.55 -36.00 0.16
C GLU A 206 7.35 -35.43 -0.58
N THR A 207 6.14 -35.85 -0.21
CA THR A 207 4.94 -35.38 -0.96
C THR A 207 4.77 -33.89 -0.72
N ARG A 208 4.21 -33.19 -1.69
CA ARG A 208 3.97 -31.74 -1.53
C ARG A 208 3.08 -31.31 -2.68
N ARG A 209 2.23 -30.34 -2.42
CA ARG A 209 1.31 -29.84 -3.43
C ARG A 209 2.03 -28.82 -4.30
N THR A 210 2.03 -29.04 -5.60
CA THR A 210 2.63 -28.09 -6.53
C THR A 210 1.78 -26.83 -6.61
N TYR A 211 2.40 -25.75 -7.09
CA TYR A 211 1.71 -24.47 -7.17
C TYR A 211 0.54 -24.51 -8.14
N TYR A 212 0.51 -25.50 -9.04
CA TYR A 212 -0.57 -25.63 -10.03
C TYR A 212 -1.58 -26.71 -9.65
N GLU A 213 -1.56 -27.19 -8.42
CA GLU A 213 -2.57 -28.13 -7.95
C GLU A 213 -3.52 -27.51 -6.93
N GLY A 214 -3.05 -26.58 -6.11
CA GLY A 214 -3.91 -25.86 -5.20
C GLY A 214 -4.42 -26.70 -4.05
N PRO A 215 -5.39 -26.16 -3.33
CA PRO A 215 -5.98 -26.91 -2.22
C PRO A 215 -6.81 -28.09 -2.73
N GLY A 216 -7.21 -28.94 -1.78
CA GLY A 216 -7.97 -30.12 -2.10
C GLY A 216 -9.41 -29.87 -2.47
N GLU A 217 -10.25 -30.89 -2.33
CA GLU A 217 -11.66 -30.78 -2.71
C GLU A 217 -12.42 -29.92 -1.71
N GLY A 218 -13.39 -29.16 -2.22
CA GLY A 218 -14.25 -28.34 -1.39
C GLY A 218 -13.69 -27.00 -1.00
N SER A 219 -12.61 -26.55 -1.63
CA SER A 219 -12.09 -25.27 -1.17
C SER A 219 -12.57 -24.13 -2.06
N PRO A 220 -13.00 -23.01 -1.47
CA PRO A 220 -13.40 -21.86 -2.29
C PRO A 220 -12.27 -21.28 -3.12
N PHE A 221 -11.02 -21.53 -2.75
CA PHE A 221 -9.86 -21.02 -3.48
C PHE A 221 -9.13 -22.14 -4.22
N GLY A 222 -9.87 -23.09 -4.78
CA GLY A 222 -9.30 -24.22 -5.47
C GLY A 222 -9.77 -24.33 -6.90
N TRP A 223 -9.25 -25.35 -7.58
CA TRP A 223 -9.59 -25.63 -8.97
C TRP A 223 -9.48 -27.12 -9.22
N LYS A 224 -10.30 -27.60 -10.17
CA LYS A 224 -10.41 -29.04 -10.39
C LYS A 224 -9.16 -29.60 -11.03
N ASP A 225 -8.65 -28.95 -12.08
CA ASP A 225 -7.53 -29.48 -12.83
C ASP A 225 -6.74 -28.33 -13.45
N ILE A 226 -5.85 -28.60 -14.41
CA ILE A 226 -4.93 -27.52 -14.93
C ILE A 226 -5.58 -26.60 -15.95
N LYS A 227 -6.60 -27.04 -16.66
CA LYS A 227 -7.26 -26.10 -17.59
C LYS A 227 -7.96 -25.05 -16.75
N GLU A 228 -8.56 -25.52 -15.68
CA GLU A 228 -9.24 -24.55 -14.79
C GLU A 228 -8.14 -23.72 -14.16
N TRP A 229 -6.95 -24.30 -13.96
CA TRP A 229 -5.84 -23.48 -13.43
C TRP A 229 -5.54 -22.34 -14.38
N TYR A 230 -5.46 -22.61 -15.68
CA TYR A 230 -5.22 -21.47 -16.61
C TYR A 230 -6.37 -20.49 -16.45
N GLU A 231 -7.58 -21.01 -16.40
CA GLU A 231 -8.68 -20.03 -16.38
C GLU A 231 -8.52 -19.15 -15.16
N MET A 232 -8.25 -19.73 -14.01
CA MET A 232 -8.21 -18.91 -12.77
C MET A 232 -7.02 -17.95 -12.80
N LEU A 233 -5.88 -18.43 -13.23
CA LEU A 233 -4.70 -17.55 -13.19
C LEU A 233 -4.86 -16.47 -14.26
N MET A 234 -5.49 -16.78 -15.41
CA MET A 234 -5.51 -15.74 -16.43
C MET A 234 -6.78 -14.91 -16.37
N GLY A 235 -7.93 -15.55 -16.30
CA GLY A 235 -9.20 -14.83 -16.27
C GLY A 235 -9.71 -14.53 -17.66
N HIS A 236 -11.03 -14.40 -17.75
CA HIS A 236 -11.67 -14.13 -19.04
C HIS A 236 -11.48 -12.66 -19.42
N CYS A 237 -11.15 -12.40 -20.69
CA CYS A 237 -10.85 -11.00 -21.10
C CYS A 237 -12.13 -10.17 -21.14
N THR A 238 -12.10 -8.96 -20.58
CA THR A 238 -13.34 -8.17 -20.50
C THR A 238 -13.77 -7.76 -21.90
N TYR A 239 -12.82 -7.56 -22.83
CA TYR A 239 -13.18 -7.10 -24.19
C TYR A 239 -13.82 -8.24 -24.98
N PHE A 240 -13.19 -9.42 -24.99
CA PHE A 240 -13.89 -10.57 -25.64
C PHE A 240 -14.12 -11.59 -24.54
N PRO A 241 -15.36 -11.87 -24.13
CA PRO A 241 -15.60 -12.72 -22.98
C PRO A 241 -15.08 -14.16 -23.00
N GLU A 242 -15.16 -14.86 -24.12
CA GLU A 242 -14.81 -16.30 -24.12
C GLU A 242 -13.30 -16.53 -24.18
N GLU A 243 -12.55 -15.50 -24.54
CA GLU A 243 -11.10 -15.62 -24.73
C GLU A 243 -10.41 -15.22 -23.42
N LEU A 244 -9.33 -15.93 -23.09
CA LEU A 244 -8.61 -15.70 -21.85
C LEU A 244 -7.49 -14.68 -22.05
N ARG A 245 -7.23 -13.90 -21.01
CA ARG A 245 -6.18 -12.90 -21.08
C ARG A 245 -4.81 -13.56 -21.23
N SER A 246 -3.93 -12.92 -21.98
CA SER A 246 -2.60 -13.45 -22.23
C SER A 246 -1.58 -12.77 -21.32
N VAL A 247 -0.34 -13.26 -21.34
CA VAL A 247 0.71 -12.71 -20.50
C VAL A 247 1.23 -11.41 -21.10
N LYS A 248 1.94 -10.64 -20.27
CA LYS A 248 2.43 -9.30 -20.71
C LYS A 248 3.79 -9.34 -21.39
N TYR A 249 4.68 -10.24 -20.99
CA TYR A 249 6.03 -10.18 -21.61
C TYR A 249 5.99 -10.92 -22.94
N ALA A 250 4.84 -11.44 -23.31
CA ALA A 250 4.74 -12.21 -24.56
C ALA A 250 5.12 -11.32 -25.73
N TYR A 251 5.68 -11.87 -26.83
CA TYR A 251 6.20 -11.04 -27.95
C TYR A 251 5.12 -10.18 -28.60
N ASN A 252 3.93 -10.74 -28.85
CA ASN A 252 2.94 -9.92 -29.58
C ASN A 252 2.61 -8.68 -28.75
N ALA A 253 2.45 -8.80 -27.44
CA ALA A 253 2.05 -7.63 -26.63
C ALA A 253 3.25 -6.68 -26.54
N ASP A 254 4.47 -7.25 -26.58
CA ASP A 254 5.66 -6.37 -26.58
C ASP A 254 5.62 -5.56 -27.87
N LEU A 255 5.25 -6.20 -28.98
CA LEU A 255 5.23 -5.48 -30.26
C LEU A 255 4.20 -4.36 -30.13
N TYR A 256 3.06 -4.64 -29.50
CA TYR A 256 1.99 -3.62 -29.37
C TYR A 256 2.53 -2.44 -28.57
N ASN A 257 3.20 -2.69 -27.45
CA ASN A 257 3.66 -1.51 -26.66
C ASN A 257 4.70 -0.75 -27.48
N ALA A 258 5.58 -1.48 -28.14
CA ALA A 258 6.67 -0.79 -28.85
C ALA A 258 6.09 0.05 -29.99
N LEU A 259 5.07 -0.47 -30.65
CA LEU A 259 4.42 0.26 -31.78
C LEU A 259 3.68 1.47 -31.24
N ASN A 260 3.13 1.37 -30.04
CA ASN A 260 2.51 2.56 -29.43
C ASN A 260 3.60 3.62 -29.39
N ASP A 261 4.76 3.31 -28.81
CA ASP A 261 5.80 4.35 -28.67
C ASP A 261 6.18 4.86 -30.06
N LEU A 262 6.37 3.94 -31.01
CA LEU A 262 6.84 4.36 -32.35
C LEU A 262 5.81 5.29 -33.00
N ASN A 263 4.52 4.96 -32.87
CA ASN A 263 3.46 5.82 -33.45
C ASN A 263 3.47 7.19 -32.77
N ASN A 264 3.67 7.22 -31.45
CA ASN A 264 3.63 8.50 -30.69
C ASN A 264 4.77 9.43 -31.14
N LEU A 265 5.94 8.88 -31.49
CA LEU A 265 7.11 9.75 -31.80
C LEU A 265 6.78 10.72 -32.93
N VAL A 266 7.22 11.98 -32.80
CA VAL A 266 7.03 12.98 -33.88
C VAL A 266 8.41 13.38 -34.39
N ILE A 267 8.66 13.23 -35.70
CA ILE A 267 10.00 13.54 -36.27
C ILE A 267 9.82 14.66 -37.28
N THR A 268 10.54 15.78 -37.10
CA THR A 268 10.39 16.94 -38.02
C THR A 268 11.14 16.61 -39.31
N ARG A 269 10.40 16.25 -40.37
CA ARG A 269 11.04 15.90 -41.63
C ARG A 269 10.12 16.30 -42.77
N ASP A 270 10.65 16.22 -43.99
CA ASP A 270 9.85 16.56 -45.16
C ASP A 270 8.68 15.61 -45.33
N GLU A 271 8.82 14.38 -44.83
CA GLU A 271 7.72 13.43 -44.83
C GLU A 271 6.74 13.77 -43.71
N ASN A 272 5.75 12.90 -43.52
CA ASN A 272 4.81 13.07 -42.41
C ASN A 272 5.53 12.93 -41.08
N GLU A 273 5.08 13.69 -40.09
CA GLU A 273 5.70 13.62 -38.77
C GLU A 273 5.53 12.24 -38.15
N LYS A 274 4.39 11.60 -38.37
CA LYS A 274 4.19 10.23 -37.91
C LYS A 274 4.70 9.24 -38.94
N LEU A 275 5.44 8.23 -38.48
CA LEU A 275 6.03 7.26 -39.38
C LEU A 275 4.95 6.35 -39.97
N GLU A 276 5.19 5.91 -41.20
CA GLU A 276 4.24 5.12 -41.97
C GLU A 276 4.70 3.66 -42.00
N TYR A 277 3.84 2.80 -42.56
CA TYR A 277 3.96 1.36 -42.41
C TYR A 277 5.36 0.84 -42.75
N TYR A 278 5.89 1.24 -43.91
CA TYR A 278 7.12 0.63 -44.39
C TYR A 278 8.32 1.02 -43.54
N GLU A 279 8.50 2.31 -43.24
CA GLU A 279 9.63 2.70 -42.42
C GLU A 279 9.41 2.28 -40.97
N LYS A 280 8.15 2.14 -40.55
CA LYS A 280 7.89 1.55 -39.23
C LYS A 280 8.37 0.11 -39.17
N PHE A 281 8.11 -0.67 -40.21
CA PHE A 281 8.64 -2.03 -40.27
C PHE A 281 10.16 -2.03 -40.25
N GLN A 282 10.76 -1.12 -41.03
CA GLN A 282 12.22 -1.06 -41.07
C GLN A 282 12.80 -0.72 -39.70
N ILE A 283 12.25 0.29 -39.03
CA ILE A 283 12.75 0.69 -37.71
C ILE A 283 12.54 -0.43 -36.70
N ILE A 284 11.36 -1.06 -36.69
CA ILE A 284 11.11 -2.09 -35.70
C ILE A 284 12.08 -3.25 -35.89
N GLU A 285 12.23 -3.73 -37.13
CA GLU A 285 13.16 -4.81 -37.40
C GLU A 285 14.57 -4.42 -36.94
N ASN A 286 15.16 -3.41 -37.58
CA ASN A 286 16.55 -3.07 -37.27
C ASN A 286 16.75 -2.80 -35.78
N VAL A 287 16.10 -1.75 -35.26
CA VAL A 287 16.39 -1.29 -33.90
C VAL A 287 16.02 -2.37 -32.88
N PHE A 288 14.79 -2.90 -32.96
CA PHE A 288 14.30 -3.73 -31.87
C PHE A 288 14.62 -5.20 -32.08
N LYS A 289 15.41 -5.54 -33.11
CA LYS A 289 15.87 -6.91 -33.26
C LYS A 289 17.38 -7.03 -33.36
N GLN A 290 18.11 -5.92 -33.49
CA GLN A 290 19.56 -5.97 -33.51
C GLN A 290 20.21 -5.46 -32.24
N LYS A 291 19.51 -4.66 -31.45
CA LYS A 291 20.07 -4.08 -30.22
C LYS A 291 19.15 -4.38 -29.05
N LYS A 292 19.75 -4.73 -27.91
CA LYS A 292 18.97 -5.16 -26.75
C LYS A 292 18.12 -4.03 -26.18
N LYS A 293 18.73 -2.87 -25.94
CA LYS A 293 18.03 -1.74 -25.33
C LYS A 293 18.04 -0.57 -26.30
N PRO A 294 16.94 -0.30 -27.00
CA PRO A 294 16.92 0.79 -27.98
C PRO A 294 17.10 2.15 -27.32
N THR A 295 17.80 3.04 -28.03
CA THR A 295 17.99 4.42 -27.62
C THR A 295 17.56 5.36 -28.74
N LEU A 296 17.37 6.62 -28.39
CA LEU A 296 16.91 7.61 -29.37
C LEU A 296 17.98 7.85 -30.44
N LYS A 297 19.25 7.83 -30.03
CA LYS A 297 20.35 8.07 -30.98
C LYS A 297 20.37 7.01 -32.07
N GLN A 298 20.09 5.76 -31.71
CA GLN A 298 20.06 4.69 -32.69
C GLN A 298 18.96 4.92 -33.73
N ILE A 299 17.80 5.38 -33.26
CA ILE A 299 16.71 5.72 -34.19
C ILE A 299 17.14 6.83 -35.12
N ALA A 300 17.75 7.89 -34.56
CA ALA A 300 18.17 9.02 -35.38
C ALA A 300 19.20 8.58 -36.42
N LYS A 301 20.12 7.70 -36.03
CA LYS A 301 21.12 7.21 -36.97
C LYS A 301 20.48 6.36 -38.07
N GLU A 302 19.52 5.49 -37.72
CA GLU A 302 18.97 4.60 -38.74
C GLU A 302 18.09 5.34 -39.73
N ILE A 303 17.31 6.33 -39.27
CA ILE A 303 16.56 7.16 -40.21
C ILE A 303 17.39 8.32 -40.75
N LEU A 304 18.63 8.47 -40.31
CA LEU A 304 19.59 9.41 -40.88
C LEU A 304 19.06 10.85 -40.84
N VAL A 305 18.45 11.22 -39.72
CA VAL A 305 18.00 12.58 -39.48
C VAL A 305 18.55 13.04 -38.13
N ASN A 306 18.23 14.28 -37.77
CA ASN A 306 18.69 14.86 -36.53
C ASN A 306 17.84 14.35 -35.36
N GLU A 307 18.52 13.95 -34.28
CA GLU A 307 17.81 13.57 -33.07
C GLU A 307 17.11 14.76 -32.43
N GLU A 308 17.52 15.97 -32.82
CA GLU A 308 16.91 17.18 -32.30
C GLU A 308 15.45 17.34 -32.73
N ASP A 309 15.05 16.67 -33.81
CA ASP A 309 13.71 16.80 -34.36
C ASP A 309 12.72 15.79 -33.80
N ILE A 310 13.14 14.90 -32.89
CA ILE A 310 12.28 13.86 -32.35
C ILE A 310 11.70 14.34 -31.03
N LYS A 311 10.38 14.38 -30.96
CA LYS A 311 9.67 14.82 -29.77
C LYS A 311 8.47 13.92 -29.52
N GLY A 312 8.01 13.90 -28.27
CA GLY A 312 6.82 13.15 -27.92
C GLY A 312 7.07 11.70 -27.59
N TYR A 313 7.95 11.44 -26.61
CA TYR A 313 8.25 10.08 -26.17
C TYR A 313 8.29 10.02 -24.66
N ARG A 314 7.99 8.85 -24.12
CA ARG A 314 8.05 8.64 -22.69
C ARG A 314 9.50 8.74 -22.20
N VAL A 315 9.66 9.28 -20.99
CA VAL A 315 10.97 9.51 -20.41
C VAL A 315 10.99 8.89 -19.01
N THR A 316 12.15 8.41 -18.60
CA THR A 316 12.32 7.82 -17.28
C THR A 316 12.36 8.92 -16.22
N SER A 317 12.49 8.51 -14.95
CA SER A 317 12.55 9.50 -13.87
C SER A 317 13.89 10.23 -13.86
N THR A 318 14.93 9.63 -14.45
CA THR A 318 16.26 10.22 -14.48
C THR A 318 16.50 11.06 -15.72
N GLY A 319 15.51 11.21 -16.59
CA GLY A 319 15.66 11.98 -17.81
C GLY A 319 16.17 11.21 -19.01
N LYS A 320 16.56 9.96 -18.83
CA LYS A 320 17.01 9.14 -19.95
C LYS A 320 15.82 8.77 -20.82
N PRO A 321 15.91 8.90 -22.15
CA PRO A 321 14.81 8.47 -23.01
C PRO A 321 14.52 6.99 -22.82
N GLU A 322 13.23 6.65 -22.84
CA GLU A 322 12.75 5.31 -22.56
C GLU A 322 12.04 4.75 -23.79
N PHE A 323 12.45 3.56 -24.21
CA PHE A 323 11.77 2.81 -25.27
C PHE A 323 11.59 1.37 -24.82
N THR A 324 10.35 0.90 -24.88
CA THR A 324 10.07 -0.48 -24.49
C THR A 324 10.69 -1.44 -25.49
N ASN A 325 11.42 -2.42 -24.98
CA ASN A 325 12.23 -3.31 -25.80
C ASN A 325 11.58 -4.68 -25.87
N LEU A 326 11.82 -5.39 -26.98
CA LEU A 326 11.35 -6.76 -27.15
C LEU A 326 12.26 -7.66 -26.30
N LYS A 327 11.96 -7.70 -25.00
CA LYS A 327 12.82 -8.40 -24.06
C LYS A 327 12.86 -9.89 -24.36
N VAL A 328 11.70 -10.51 -24.63
CA VAL A 328 11.66 -11.95 -24.87
C VAL A 328 12.43 -12.30 -26.14
N TYR A 329 12.36 -11.43 -27.15
CA TYR A 329 12.99 -11.72 -28.43
C TYR A 329 14.52 -11.66 -28.29
N HIS A 330 15.01 -10.63 -27.62
CA HIS A 330 16.45 -10.54 -27.37
C HIS A 330 16.93 -11.66 -26.46
N ASP A 331 16.11 -12.05 -25.47
CA ASP A 331 16.47 -13.18 -24.62
C ASP A 331 16.59 -14.46 -25.43
N ILE A 332 15.68 -14.64 -26.41
CA ILE A 332 15.81 -15.78 -27.32
C ILE A 332 17.12 -15.70 -28.09
N LYS A 333 17.41 -14.52 -28.67
CA LYS A 333 18.60 -14.40 -29.51
C LYS A 333 19.89 -14.58 -28.69
N ASP A 334 19.83 -14.32 -27.39
CA ASP A 334 21.03 -14.47 -26.56
C ASP A 334 21.52 -15.90 -26.55
N ILE A 335 20.60 -16.87 -26.47
CA ILE A 335 21.01 -18.27 -26.38
C ILE A 335 21.08 -18.90 -27.77
N THR A 336 20.00 -18.81 -28.55
CA THR A 336 19.95 -19.38 -29.88
C THR A 336 19.50 -18.32 -30.88
N ALA A 337 20.08 -18.33 -32.08
CA ALA A 337 19.81 -17.33 -33.09
C ALA A 337 19.31 -17.91 -34.40
N ARG A 338 18.81 -19.14 -34.40
CA ARG A 338 18.33 -19.74 -35.63
C ARG A 338 17.07 -19.03 -36.13
N LYS A 339 16.87 -19.08 -37.45
CA LYS A 339 15.74 -18.40 -38.08
C LYS A 339 14.42 -19.05 -37.70
N GLU A 340 14.39 -20.37 -37.55
CA GLU A 340 13.15 -21.10 -37.36
C GLU A 340 12.44 -20.72 -36.06
N ILE A 341 13.15 -20.17 -35.08
CA ILE A 341 12.57 -19.85 -33.78
C ILE A 341 12.15 -18.40 -33.68
N ILE A 342 12.94 -17.47 -34.24
CA ILE A 342 12.73 -16.06 -33.95
C ILE A 342 11.63 -15.45 -34.81
N GLU A 343 11.33 -16.01 -35.98
CA GLU A 343 10.26 -15.50 -36.82
C GLU A 343 8.97 -16.32 -36.72
N ASN A 344 8.65 -16.85 -35.54
CA ASN A 344 7.40 -17.57 -35.31
C ASN A 344 6.70 -16.93 -34.11
N ALA A 345 5.69 -16.11 -34.39
CA ALA A 345 5.05 -15.33 -33.33
C ALA A 345 4.36 -16.24 -32.31
N GLU A 346 3.69 -17.28 -32.80
CA GLU A 346 2.95 -18.19 -31.90
C GLU A 346 3.95 -18.91 -31.01
N LEU A 347 5.08 -19.37 -31.57
CA LEU A 347 6.05 -20.14 -30.75
C LEU A 347 6.56 -19.20 -29.67
N LEU A 348 6.93 -17.97 -30.06
CA LEU A 348 7.51 -17.04 -29.06
C LEU A 348 6.46 -16.75 -27.98
N ASP A 349 5.20 -16.54 -28.39
CA ASP A 349 4.13 -16.29 -27.40
C ASP A 349 4.04 -17.47 -26.42
N GLN A 350 3.89 -18.69 -26.93
CA GLN A 350 3.71 -19.86 -26.05
C GLN A 350 4.91 -19.94 -25.10
N ILE A 351 6.11 -19.67 -25.60
CA ILE A 351 7.33 -19.74 -24.75
C ILE A 351 7.14 -18.74 -23.63
N ALA A 352 6.68 -17.53 -23.97
CA ALA A 352 6.51 -16.49 -22.95
C ALA A 352 5.46 -16.92 -21.92
N LYS A 353 4.34 -17.47 -22.37
CA LYS A 353 3.27 -17.83 -21.41
C LYS A 353 3.86 -18.87 -20.47
N ILE A 354 4.57 -19.85 -21.02
CA ILE A 354 5.06 -20.93 -20.13
C ILE A 354 6.00 -20.29 -19.12
N LEU A 355 6.92 -19.45 -19.56
CA LEU A 355 7.93 -18.91 -18.61
C LEU A 355 7.20 -18.12 -17.52
N THR A 356 6.20 -17.32 -17.91
CA THR A 356 5.46 -16.49 -16.92
C THR A 356 4.63 -17.32 -15.92
N ILE A 357 3.91 -18.36 -16.36
CA ILE A 357 2.99 -19.04 -15.39
C ILE A 357 3.73 -20.13 -14.62
N TYR A 358 4.58 -20.90 -15.28
CA TYR A 358 5.29 -22.00 -14.64
C TYR A 358 6.53 -21.44 -13.95
N GLN A 359 6.49 -21.41 -12.62
CA GLN A 359 7.63 -20.88 -11.87
C GLN A 359 8.80 -21.86 -11.86
N SER A 360 8.53 -23.15 -11.64
CA SER A 360 9.59 -24.13 -11.56
C SER A 360 10.19 -24.40 -12.93
N SER A 361 11.52 -24.46 -12.99
CA SER A 361 12.21 -24.67 -14.25
C SER A 361 11.97 -26.08 -14.79
N GLU A 362 11.84 -27.05 -13.89
CA GLU A 362 11.59 -28.43 -14.32
C GLU A 362 10.26 -28.53 -15.05
N ASP A 363 9.25 -27.80 -14.59
CA ASP A 363 7.98 -27.77 -15.31
C ASP A 363 8.11 -27.05 -16.64
N ILE A 364 8.90 -25.98 -16.68
CA ILE A 364 9.05 -25.20 -17.92
C ILE A 364 9.68 -26.06 -19.01
N GLN A 365 10.77 -26.76 -18.67
CA GLN A 365 11.44 -27.57 -19.69
C GLN A 365 10.53 -28.69 -20.17
N GLU A 366 9.76 -29.28 -19.26
CA GLU A 366 8.82 -30.33 -19.66
C GLU A 366 7.74 -29.78 -20.59
N GLU A 367 7.21 -28.59 -20.28
CA GLU A 367 6.16 -28.02 -21.10
C GLU A 367 6.66 -27.63 -22.49
N LEU A 368 7.87 -27.09 -22.60
CA LEU A 368 8.45 -26.89 -23.93
C LEU A 368 8.72 -28.22 -24.63
N THR A 369 9.10 -29.25 -23.88
CA THR A 369 9.32 -30.56 -24.49
C THR A 369 8.03 -31.11 -25.09
N ASN A 370 6.91 -30.98 -24.37
CA ASN A 370 5.62 -31.41 -24.90
C ASN A 370 5.18 -30.59 -26.10
N LEU A 371 5.65 -29.34 -26.20
CA LEU A 371 5.32 -28.51 -27.35
C LEU A 371 6.15 -28.96 -28.55
N ASN A 372 5.46 -29.49 -29.56
CA ASN A 372 6.14 -30.03 -30.75
C ASN A 372 6.62 -28.87 -31.61
N SER A 373 7.75 -28.30 -31.22
CA SER A 373 8.40 -27.21 -31.92
C SER A 373 9.75 -27.67 -32.46
N GLU A 374 10.51 -26.72 -33.00
CA GLU A 374 11.83 -26.99 -33.55
C GLU A 374 12.92 -26.89 -32.50
N LEU A 375 12.55 -26.64 -31.24
CA LEU A 375 13.54 -26.53 -30.17
C LEU A 375 14.29 -27.84 -29.99
N THR A 376 15.59 -27.74 -29.72
CA THR A 376 16.40 -28.91 -29.43
C THR A 376 16.55 -29.08 -27.92
N GLN A 377 16.93 -30.30 -27.53
CA GLN A 377 16.99 -30.63 -26.10
C GLN A 377 18.02 -29.77 -25.37
N GLU A 378 19.18 -29.53 -26.00
CA GLU A 378 20.22 -28.74 -25.34
C GLU A 378 19.79 -27.29 -25.16
N GLU A 379 19.02 -26.76 -26.11
CA GLU A 379 18.59 -25.36 -26.03
C GLU A 379 17.49 -25.17 -24.98
N ILE A 380 16.67 -26.19 -24.75
CA ILE A 380 15.57 -26.07 -23.80
C ILE A 380 16.11 -25.90 -22.38
N GLU A 381 17.18 -26.63 -22.05
CA GLU A 381 17.77 -26.51 -20.72
C GLU A 381 18.24 -25.09 -20.45
N GLN A 382 18.87 -24.46 -21.45
CA GLN A 382 19.32 -23.08 -21.27
C GLN A 382 18.16 -22.11 -21.24
N ILE A 383 17.14 -22.30 -22.09
CA ILE A 383 16.03 -21.34 -22.12
C ILE A 383 15.21 -21.42 -20.83
N SER A 384 15.20 -22.59 -20.17
CA SER A 384 14.37 -22.77 -18.99
C SER A 384 14.83 -21.92 -17.81
N ASN A 385 16.06 -21.40 -17.83
CA ASN A 385 16.61 -20.63 -16.72
C ASN A 385 16.45 -19.13 -16.91
N LEU A 386 15.45 -18.74 -17.71
CA LEU A 386 15.22 -17.30 -18.00
C LEU A 386 14.40 -16.74 -16.85
N LYS A 387 14.52 -15.44 -16.58
CA LYS A 387 13.85 -14.88 -15.38
C LYS A 387 13.30 -13.49 -15.67
N GLY A 388 12.48 -12.97 -14.77
CA GLY A 388 11.96 -11.60 -14.91
C GLY A 388 10.68 -11.58 -15.72
N TYR A 389 10.23 -12.73 -16.20
CA TYR A 389 8.91 -12.77 -16.90
C TYR A 389 7.82 -12.93 -15.84
N THR A 390 7.31 -11.84 -15.27
CA THR A 390 6.34 -11.99 -14.14
C THR A 390 5.06 -11.17 -14.30
N GLY A 391 4.49 -11.05 -15.51
CA GLY A 391 3.20 -10.35 -15.65
C GLY A 391 2.10 -11.31 -16.07
N THR A 392 1.01 -11.40 -15.30
CA THR A 392 -0.02 -12.42 -15.61
C THR A 392 -1.21 -11.84 -16.38
N HIS A 393 -1.81 -10.73 -15.92
CA HIS A 393 -3.03 -10.23 -16.60
C HIS A 393 -2.67 -9.12 -17.58
N ASN A 394 -2.94 -9.32 -18.87
CA ASN A 394 -2.66 -8.28 -19.91
C ASN A 394 -3.70 -8.45 -21.01
N LEU A 395 -3.87 -7.45 -21.87
CA LEU A 395 -4.93 -7.51 -22.90
C LEU A 395 -4.89 -8.85 -23.65
N SER A 396 -6.05 -9.39 -23.99
CA SER A 396 -6.16 -10.67 -24.69
C SER A 396 -5.42 -10.65 -26.01
N LEU A 397 -4.86 -11.81 -26.38
CA LEU A 397 -4.09 -11.92 -27.61
C LEU A 397 -4.92 -11.68 -28.86
N LYS A 398 -6.17 -12.15 -28.88
CA LYS A 398 -7.01 -11.96 -30.06
C LYS A 398 -7.25 -10.47 -30.31
N ALA A 399 -7.53 -9.70 -29.25
CA ALA A 399 -7.63 -8.26 -29.40
C ALA A 399 -6.28 -7.61 -29.67
N ILE A 400 -5.20 -8.19 -29.16
CA ILE A 400 -3.87 -7.63 -29.40
C ILE A 400 -3.54 -7.67 -30.89
N ASN A 401 -3.89 -8.77 -31.56
CA ASN A 401 -3.64 -8.87 -32.99
C ASN A 401 -4.44 -7.82 -33.76
N LEU A 402 -5.70 -7.61 -33.37
CA LEU A 402 -6.53 -6.61 -34.04
C LEU A 402 -5.97 -5.22 -33.86
N ILE A 403 -5.51 -4.89 -32.65
CA ILE A 403 -4.91 -3.58 -32.43
C ILE A 403 -3.60 -3.43 -33.18
N LEU A 404 -2.79 -4.50 -33.24
CA LEU A 404 -1.51 -4.43 -33.94
C LEU A 404 -1.70 -4.21 -35.43
N ASP A 405 -2.72 -4.86 -36.02
CA ASP A 405 -2.98 -4.66 -37.44
C ASP A 405 -3.30 -3.20 -37.75
N GLU A 406 -4.19 -2.59 -36.95
CA GLU A 406 -4.51 -1.18 -37.15
C GLU A 406 -3.31 -0.29 -36.88
N LEU A 407 -2.50 -0.62 -35.88
CA LEU A 407 -1.32 0.18 -35.57
C LEU A 407 -0.33 0.16 -36.74
N TRP A 408 -0.14 -1.01 -37.34
CA TRP A 408 0.85 -1.11 -38.44
C TRP A 408 0.38 -0.23 -39.60
N HIS A 409 -0.87 -0.39 -40.03
CA HIS A 409 -1.43 0.32 -41.20
C HIS A 409 -1.60 1.83 -40.96
N THR A 410 -2.01 2.25 -39.77
CA THR A 410 -2.31 3.69 -39.53
C THR A 410 -1.44 4.24 -38.41
N ASN A 411 -1.32 5.57 -38.28
CA ASN A 411 -0.38 6.17 -37.30
C ASN A 411 -1.10 6.47 -35.97
N ASP A 412 -2.30 5.93 -35.76
CA ASP A 412 -3.12 6.26 -34.56
C ASP A 412 -2.53 5.71 -33.24
N ASN A 413 -3.16 6.04 -32.10
CA ASN A 413 -2.76 5.57 -30.78
C ASN A 413 -3.88 4.73 -30.18
N GLN A 414 -3.61 4.10 -29.04
CA GLN A 414 -4.53 3.09 -28.51
C GLN A 414 -5.89 3.67 -28.16
N ILE A 415 -5.91 4.86 -27.56
CA ILE A 415 -7.17 5.42 -27.09
C ILE A 415 -8.15 5.63 -28.25
N ALA A 416 -7.66 6.22 -29.33
CA ALA A 416 -8.52 6.45 -30.49
C ALA A 416 -8.83 5.18 -31.26
N ILE A 417 -7.95 4.17 -31.21
CA ILE A 417 -8.32 2.85 -31.74
C ILE A 417 -9.49 2.27 -30.97
N PHE A 418 -9.45 2.39 -29.64
CA PHE A 418 -10.56 1.91 -28.82
C PHE A 418 -11.85 2.67 -29.11
N ASN A 419 -11.75 3.99 -29.28
CA ASN A 419 -12.94 4.77 -29.63
C ASN A 419 -13.47 4.39 -31.00
N ARG A 420 -12.59 4.19 -31.98
CA ARG A 420 -13.02 3.87 -33.35
C ARG A 420 -13.67 2.50 -33.41
N LEU A 421 -12.99 1.48 -32.86
CA LEU A 421 -13.55 0.14 -32.83
C LEU A 421 -14.74 0.02 -31.88
N LYS A 422 -14.91 1.00 -30.98
CA LYS A 422 -15.99 1.00 -30.01
C LYS A 422 -16.00 -0.28 -29.17
N LEU A 423 -14.82 -0.70 -28.75
CA LEU A 423 -14.72 -1.88 -27.89
C LEU A 423 -15.39 -1.62 -26.56
N VAL A 424 -16.30 -2.51 -26.18
CA VAL A 424 -17.13 -2.32 -25.00
C VAL A 424 -16.95 -3.52 -24.09
N PRO A 425 -16.85 -3.34 -22.78
CA PRO A 425 -16.79 -4.50 -21.87
C PRO A 425 -18.02 -5.38 -22.03
N LYS A 426 -17.79 -6.69 -22.07
CA LYS A 426 -18.86 -7.66 -22.30
C LYS A 426 -18.95 -8.72 -21.22
N LYS A 427 -18.18 -8.58 -20.13
CA LYS A 427 -18.28 -9.53 -19.04
C LYS A 427 -19.66 -9.49 -18.39
N VAL A 428 -20.22 -8.30 -18.25
CA VAL A 428 -21.56 -8.10 -17.71
C VAL A 428 -22.38 -7.34 -18.74
N ASP A 429 -23.58 -7.83 -19.02
CA ASP A 429 -24.46 -7.18 -20.00
C ASP A 429 -24.97 -5.87 -19.43
N LEU A 430 -24.54 -4.75 -20.01
CA LEU A 430 -24.93 -3.44 -19.52
C LEU A 430 -26.40 -3.12 -19.79
N SER A 431 -27.04 -3.83 -20.72
CA SER A 431 -28.42 -3.49 -21.10
C SER A 431 -29.40 -3.87 -19.99
N GLN A 432 -29.24 -5.05 -19.40
CA GLN A 432 -30.22 -5.53 -18.44
C GLN A 432 -30.11 -4.80 -17.11
N GLN A 433 -28.90 -4.33 -16.76
CA GLN A 433 -28.66 -3.71 -15.43
C GLN A 433 -29.40 -2.37 -15.29
N LYS A 434 -30.20 -2.21 -14.23
CA LYS A 434 -30.90 -0.93 -13.95
C LYS A 434 -29.91 0.18 -13.59
N GLU A 435 -28.87 -0.13 -12.81
CA GLU A 435 -27.94 0.92 -12.32
C GLU A 435 -26.49 0.52 -12.63
N ILE A 436 -25.57 1.48 -12.62
CA ILE A 436 -24.17 1.18 -13.03
C ILE A 436 -23.69 0.02 -12.17
N PRO A 437 -23.10 -1.04 -12.74
CA PRO A 437 -22.75 -2.21 -11.96
C PRO A 437 -21.32 -2.19 -11.40
N THR A 438 -21.19 -2.39 -10.09
CA THR A 438 -19.86 -2.29 -9.49
C THR A 438 -18.97 -3.47 -9.84
N THR A 439 -19.49 -4.46 -10.57
CA THR A 439 -18.70 -5.64 -10.91
C THR A 439 -17.56 -5.30 -11.87
N LEU A 440 -17.80 -4.38 -12.81
CA LEU A 440 -16.80 -4.11 -13.85
C LEU A 440 -15.51 -3.55 -13.26
N VAL A 441 -15.60 -2.85 -12.13
CA VAL A 441 -14.41 -2.25 -11.53
C VAL A 441 -13.44 -3.32 -11.06
N ASP A 442 -13.95 -4.50 -10.75
CA ASP A 442 -13.03 -5.59 -10.36
C ASP A 442 -12.04 -5.91 -11.48
N ASP A 443 -12.50 -6.00 -12.73
CA ASP A 443 -11.59 -6.47 -13.82
C ASP A 443 -10.41 -5.55 -14.13
N PHE A 444 -10.60 -4.23 -14.23
CA PHE A 444 -9.47 -3.37 -14.66
C PHE A 444 -8.37 -3.51 -13.61
N ILE A 445 -7.10 -3.56 -14.03
CA ILE A 445 -6.06 -3.78 -12.98
C ILE A 445 -5.78 -2.42 -12.34
N LEU A 446 -6.38 -2.15 -11.19
CA LEU A 446 -6.21 -0.85 -10.50
C LEU A 446 -5.82 -1.16 -9.06
N SER A 447 -4.98 -0.33 -8.45
CA SER A 447 -4.53 -0.55 -7.04
C SER A 447 -5.73 -0.56 -6.10
N PRO A 448 -5.75 -1.28 -4.94
CA PRO A 448 -6.97 -1.41 -4.14
C PRO A 448 -7.53 -0.09 -3.66
N VAL A 449 -6.69 0.92 -3.44
CA VAL A 449 -7.18 2.24 -3.08
C VAL A 449 -8.07 2.79 -4.19
N VAL A 450 -7.58 2.74 -5.43
CA VAL A 450 -8.35 3.24 -6.56
C VAL A 450 -9.60 2.40 -6.77
N LYS A 451 -9.52 1.09 -6.54
CA LYS A 451 -10.68 0.23 -6.70
C LYS A 451 -11.78 0.60 -5.70
N ARG A 452 -11.41 0.79 -4.44
CA ARG A 452 -12.39 1.18 -3.42
C ARG A 452 -12.98 2.55 -3.76
N SER A 453 -12.13 3.49 -4.17
CA SER A 453 -12.63 4.81 -4.53
C SER A 453 -13.60 4.75 -5.69
N PHE A 454 -13.29 3.93 -6.69
CA PHE A 454 -14.17 3.78 -7.85
C PHE A 454 -15.52 3.18 -7.44
N ILE A 455 -15.50 2.15 -6.60
CA ILE A 455 -16.75 1.53 -6.17
C ILE A 455 -17.60 2.53 -5.40
N GLN A 456 -16.98 3.27 -4.48
CA GLN A 456 -17.73 4.28 -3.72
C GLN A 456 -18.27 5.36 -4.63
N SER A 457 -17.48 5.80 -5.61
CA SER A 457 -17.92 6.83 -6.53
C SER A 457 -19.09 6.36 -7.38
N ILE A 458 -19.04 5.10 -7.84
CA ILE A 458 -20.14 4.56 -8.63
C ILE A 458 -21.41 4.46 -7.79
N LYS A 459 -21.27 4.07 -6.52
CA LYS A 459 -22.44 4.06 -5.65
C LYS A 459 -23.00 5.46 -5.42
N VAL A 460 -22.13 6.46 -5.28
CA VAL A 460 -22.59 7.85 -5.16
C VAL A 460 -23.35 8.27 -6.41
N ILE A 461 -22.82 7.92 -7.58
CA ILE A 461 -23.51 8.24 -8.83
C ILE A 461 -24.88 7.57 -8.87
N ASN A 462 -24.95 6.30 -8.46
CA ASN A 462 -26.23 5.60 -8.45
C ASN A 462 -27.23 6.30 -7.54
N ALA A 463 -26.79 6.69 -6.35
CA ALA A 463 -27.69 7.36 -5.41
C ALA A 463 -28.15 8.71 -5.96
N ILE A 464 -27.25 9.48 -6.55
CA ILE A 464 -27.62 10.80 -7.07
C ILE A 464 -28.58 10.65 -8.26
N ILE A 465 -28.34 9.64 -9.11
CA ILE A 465 -29.25 9.40 -10.23
C ILE A 465 -30.62 9.01 -9.71
N LYS A 466 -30.68 8.16 -8.70
CA LYS A 466 -31.96 7.76 -8.13
C LYS A 466 -32.68 8.92 -7.45
N LYS A 467 -31.95 9.87 -6.88
CA LYS A 467 -32.57 10.98 -6.16
C LYS A 467 -32.97 12.14 -7.05
N TYR A 468 -32.03 12.73 -7.78
CA TYR A 468 -32.27 13.95 -8.54
C TYR A 468 -32.44 13.69 -10.03
N GLY A 469 -32.59 12.45 -10.45
CA GLY A 469 -32.80 12.15 -11.85
C GLY A 469 -31.51 11.98 -12.63
N LEU A 470 -31.62 11.97 -13.97
CA LEU A 470 -30.43 11.69 -14.82
C LEU A 470 -29.53 12.91 -14.94
N PRO A 471 -28.19 12.77 -14.72
CA PRO A 471 -27.29 13.91 -14.77
C PRO A 471 -26.94 14.27 -16.22
N ASN A 472 -27.12 15.53 -16.60
CA ASN A 472 -26.83 15.97 -17.99
C ASN A 472 -25.34 15.79 -18.27
N ASP A 473 -24.50 16.16 -17.31
CA ASP A 473 -23.03 15.96 -17.48
C ASP A 473 -22.39 15.48 -16.19
N ILE A 474 -21.36 14.64 -16.27
CA ILE A 474 -20.64 14.21 -15.04
C ILE A 474 -19.19 14.62 -15.22
N ILE A 475 -18.53 15.22 -14.23
CA ILE A 475 -17.07 15.51 -14.39
C ILE A 475 -16.30 14.73 -13.35
N ILE A 476 -15.33 13.91 -13.76
CA ILE A 476 -14.66 13.03 -12.78
C ILE A 476 -13.20 13.41 -12.64
N GLU A 477 -12.75 13.74 -11.45
CA GLU A 477 -11.33 14.00 -11.18
C GLU A 477 -10.79 12.89 -10.30
N LEU A 478 -9.74 12.22 -10.75
CA LEU A 478 -9.08 11.27 -9.83
C LEU A 478 -7.89 12.05 -9.26
N ALA A 479 -7.66 12.00 -7.95
CA ALA A 479 -6.59 12.84 -7.34
C ALA A 479 -5.21 12.28 -7.70
N ARG A 480 -4.20 13.15 -7.70
CA ARG A 480 -2.85 12.74 -8.13
C ARG A 480 -2.25 11.67 -7.20
N GLU A 481 -2.44 11.80 -5.89
CA GLU A 481 -1.75 10.85 -4.98
C GLU A 481 -2.23 9.42 -5.20
N LYS A 482 -1.30 8.48 -5.43
CA LYS A 482 -1.69 7.05 -5.58
C LYS A 482 -2.15 6.47 -4.25
N ASN A 483 -1.45 6.78 -3.16
CA ASN A 483 -1.77 6.20 -1.82
C ASN A 483 -1.21 7.13 -0.75
N SER A 484 -1.54 6.91 0.52
CA SER A 484 -1.08 7.88 1.56
C SER A 484 0.45 7.93 1.62
N LYS A 485 1.13 6.80 1.50
CA LYS A 485 2.61 6.85 1.66
C LYS A 485 3.15 7.89 0.68
N ASP A 486 2.43 8.15 -0.41
CA ASP A 486 2.86 9.20 -1.36
C ASP A 486 2.37 10.56 -0.91
N ALA A 487 1.22 10.66 -0.29
CA ALA A 487 0.81 12.03 0.08
C ALA A 487 1.83 12.61 1.05
N GLN A 488 2.28 11.84 2.04
CA GLN A 488 3.32 12.39 2.93
C GLN A 488 4.62 12.65 2.15
N LYS A 489 5.09 11.69 1.34
CA LYS A 489 6.41 11.93 0.69
C LYS A 489 6.30 13.23 -0.06
N MET A 490 5.22 13.41 -0.83
CA MET A 490 5.08 14.64 -1.63
C MET A 490 5.01 15.83 -0.68
N ILE A 491 4.21 15.77 0.38
CA ILE A 491 4.08 16.98 1.23
C ILE A 491 5.46 17.32 1.79
N ASN A 492 6.22 16.31 2.21
CA ASN A 492 7.57 16.57 2.76
C ASN A 492 8.43 17.22 1.67
N GLU A 493 8.42 16.67 0.45
CA GLU A 493 9.31 17.21 -0.60
C GLU A 493 8.90 18.65 -0.86
N MET A 494 7.60 18.92 -0.91
CA MET A 494 7.12 20.28 -1.25
C MET A 494 7.58 21.23 -0.15
N GLN A 495 7.45 20.80 1.12
CA GLN A 495 7.92 21.63 2.25
C GLN A 495 9.40 21.94 2.05
N LYS A 496 10.21 20.95 1.68
CA LYS A 496 11.66 21.17 1.54
C LYS A 496 11.91 22.19 0.43
N ARG A 497 11.19 22.05 -0.68
CA ARG A 497 11.36 22.98 -1.82
C ARG A 497 10.95 24.38 -1.37
N ASN A 498 9.86 24.46 -0.61
CA ASN A 498 9.36 25.78 -0.16
C ASN A 498 10.44 26.41 0.73
N ARG A 499 11.06 25.59 1.59
CA ARG A 499 12.13 26.09 2.48
C ARG A 499 13.30 26.61 1.64
N GLN A 500 13.73 25.87 0.61
CA GLN A 500 14.91 26.31 -0.16
C GLN A 500 14.61 27.64 -0.86
N THR A 501 13.42 27.77 -1.43
CA THR A 501 13.03 29.04 -2.09
C THR A 501 12.95 30.17 -1.06
N ASN A 502 12.44 29.88 0.13
CA ASN A 502 12.38 30.91 1.20
C ASN A 502 13.81 31.33 1.54
N GLU A 503 14.74 30.38 1.60
CA GLU A 503 16.16 30.67 1.90
C GLU A 503 16.75 31.56 0.79
N ARG A 504 16.43 31.26 -0.47
CA ARG A 504 16.94 32.11 -1.59
C ARG A 504 16.38 33.53 -1.38
N ILE A 505 15.10 33.63 -1.03
CA ILE A 505 14.48 34.97 -0.87
C ILE A 505 15.21 35.69 0.26
N GLU A 506 15.49 35.01 1.36
CA GLU A 506 16.13 35.66 2.53
C GLU A 506 17.55 36.11 2.16
N GLU A 507 18.29 35.29 1.41
CA GLU A 507 19.67 35.65 1.00
C GLU A 507 19.61 36.90 0.11
N ILE A 508 18.64 36.92 -0.80
CA ILE A 508 18.50 38.11 -1.70
C ILE A 508 18.19 39.33 -0.84
N ILE A 509 17.23 39.20 0.07
CA ILE A 509 16.80 40.36 0.92
C ILE A 509 18.04 41.01 1.54
N ARG A 510 18.93 40.21 2.15
CA ARG A 510 20.10 40.82 2.85
C ARG A 510 20.98 41.57 1.84
N THR A 511 21.26 40.95 0.69
CA THR A 511 22.14 41.59 -0.32
C THR A 511 21.46 42.82 -0.91
N THR A 512 20.18 42.71 -1.30
CA THR A 512 19.46 43.84 -1.95
C THR A 512 19.21 44.99 -0.98
N GLY A 513 18.84 44.68 0.26
CA GLY A 513 18.50 45.75 1.22
C GLY A 513 17.11 46.31 0.95
N LYS A 514 16.29 45.59 0.19
CA LYS A 514 14.89 46.05 -0.06
C LYS A 514 13.89 44.91 0.21
N GLU A 515 12.63 45.26 0.44
CA GLU A 515 11.57 44.24 0.74
C GLU A 515 10.76 43.95 -0.52
N ASN A 516 11.23 44.43 -1.68
CA ASN A 516 10.48 44.23 -2.96
C ASN A 516 10.37 42.74 -3.22
N ALA A 517 11.34 41.94 -2.76
CA ALA A 517 11.36 40.49 -3.04
C ALA A 517 10.10 39.83 -2.48
N LYS A 518 9.46 40.42 -1.47
CA LYS A 518 8.28 39.78 -0.83
C LYS A 518 7.19 39.54 -1.88
N TYR A 519 6.96 40.51 -2.77
CA TYR A 519 5.96 40.32 -3.86
C TYR A 519 6.63 39.93 -5.18
N LEU A 520 7.95 39.73 -5.19
CA LEU A 520 8.68 39.45 -6.47
C LEU A 520 9.10 37.98 -6.55
N ILE A 521 8.50 37.11 -5.74
CA ILE A 521 8.93 35.68 -5.68
C ILE A 521 8.75 35.02 -7.06
N GLU A 522 7.65 35.30 -7.76
CA GLU A 522 7.41 34.60 -9.04
C GLU A 522 8.50 34.96 -10.05
N LYS A 523 8.89 36.23 -10.12
CA LYS A 523 9.87 36.69 -11.13
C LYS A 523 11.27 36.21 -10.75
N ILE A 524 11.61 36.32 -9.46
CA ILE A 524 12.95 35.93 -9.01
C ILE A 524 13.17 34.43 -9.21
N LYS A 525 12.11 33.62 -9.07
CA LYS A 525 12.22 32.21 -9.44
C LYS A 525 12.52 32.05 -10.92
N LEU A 526 11.91 32.87 -11.77
CA LEU A 526 12.17 32.77 -13.20
C LEU A 526 13.55 33.26 -13.59
N HIS A 527 14.08 34.27 -12.89
CA HIS A 527 15.35 34.91 -13.27
C HIS A 527 16.51 33.92 -13.26
N ASP A 528 16.71 33.21 -12.14
CA ASP A 528 17.84 32.29 -12.07
C ASP A 528 17.64 31.08 -12.98
N MET A 529 16.39 30.66 -13.18
CA MET A 529 16.14 29.58 -14.12
C MET A 529 16.54 29.99 -15.53
N GLN A 530 16.26 31.24 -15.92
CA GLN A 530 16.76 31.77 -17.18
C GLN A 530 18.18 32.33 -17.05
N GLU A 531 18.76 32.27 -15.85
CA GLU A 531 20.11 32.78 -15.60
C GLU A 531 20.26 34.24 -15.99
N GLY A 532 19.21 35.02 -15.73
CA GLY A 532 19.22 36.44 -16.08
C GLY A 532 19.38 36.69 -17.56
N LYS A 533 18.74 35.88 -18.40
CA LYS A 533 18.83 36.02 -19.84
C LYS A 533 17.42 36.04 -20.42
N CYS A 534 17.07 37.12 -21.11
CA CYS A 534 15.81 37.17 -21.83
C CYS A 534 15.80 36.11 -22.92
N LEU A 535 14.96 35.09 -22.77
CA LEU A 535 14.96 33.97 -23.71
C LEU A 535 14.57 34.40 -25.12
N TYR A 536 13.96 35.58 -25.27
CA TYR A 536 13.48 36.03 -26.56
C TYR A 536 14.49 36.92 -27.28
N SER A 537 15.43 37.51 -26.55
CA SER A 537 16.39 38.44 -27.13
C SER A 537 17.82 38.21 -26.68
N LEU A 538 18.06 37.28 -25.76
CA LEU A 538 19.38 36.84 -25.29
C LEU A 538 20.10 37.90 -24.46
N GLU A 539 19.53 39.11 -24.32
CA GLU A 539 20.20 40.15 -23.55
C GLU A 539 20.24 39.80 -22.07
N ALA A 540 21.36 40.09 -21.43
CA ALA A 540 21.54 39.76 -20.03
C ALA A 540 20.68 40.64 -19.14
N ILE A 541 20.09 40.04 -18.11
CA ILE A 541 19.22 40.75 -17.19
C ILE A 541 19.84 40.74 -15.79
N PRO A 542 20.21 41.89 -15.24
CA PRO A 542 20.70 41.93 -13.86
C PRO A 542 19.58 41.65 -12.86
N LEU A 543 19.96 41.00 -11.76
CA LEU A 543 18.97 40.65 -10.75
C LEU A 543 18.47 41.88 -10.01
N GLU A 544 19.35 42.87 -9.81
CA GLU A 544 18.97 44.08 -9.06
C GLU A 544 17.87 44.85 -9.77
N ASP A 545 17.97 44.97 -11.10
CA ASP A 545 16.98 45.75 -11.85
C ASP A 545 15.60 45.13 -11.74
N LEU A 546 15.52 43.82 -11.52
CA LEU A 546 14.23 43.17 -11.33
C LEU A 546 13.52 43.72 -10.09
N LEU A 547 14.24 43.89 -8.99
CA LEU A 547 13.65 44.46 -7.79
C LEU A 547 13.45 45.97 -7.93
N ASN A 548 14.42 46.67 -8.50
CA ASN A 548 14.32 48.12 -8.64
C ASN A 548 13.20 48.51 -9.61
N ASN A 549 13.13 47.85 -10.75
CA ASN A 549 12.14 48.16 -11.79
C ASN A 549 11.43 46.88 -12.19
N PRO A 550 10.48 46.41 -11.39
CA PRO A 550 9.74 45.19 -11.75
C PRO A 550 8.90 45.35 -13.01
N PHE A 551 8.53 46.58 -13.39
CA PHE A 551 7.70 46.79 -14.57
C PHE A 551 8.47 46.66 -15.87
N ASN A 552 9.81 46.66 -15.83
CA ASN A 552 10.58 46.44 -17.04
C ASN A 552 10.57 44.98 -17.49
N TYR A 553 10.08 44.07 -16.66
CA TYR A 553 10.01 42.66 -17.00
C TYR A 553 8.62 42.13 -16.67
N GLU A 554 8.16 41.19 -17.49
CA GLU A 554 6.83 40.61 -17.36
C GLU A 554 6.89 39.10 -17.52
N VAL A 555 5.91 38.43 -16.92
CA VAL A 555 5.79 36.97 -16.98
C VAL A 555 4.93 36.59 -18.17
N ASP A 556 5.56 36.30 -19.29
CA ASP A 556 4.86 35.93 -20.51
C ASP A 556 4.70 34.42 -20.58
N HIS A 557 3.70 33.98 -21.34
CA HIS A 557 3.43 32.57 -21.55
C HIS A 557 3.98 32.12 -22.89
N ILE A 558 4.70 31.01 -22.91
CA ILE A 558 5.34 30.53 -24.13
C ILE A 558 4.27 30.18 -25.17
N ILE A 559 3.24 29.45 -24.76
CA ILE A 559 2.15 29.05 -25.64
C ILE A 559 0.89 29.79 -25.21
N PRO A 560 0.07 30.27 -26.13
CA PRO A 560 -1.19 30.91 -25.73
C PRO A 560 -2.07 29.96 -24.93
N ARG A 561 -2.70 30.50 -23.89
CA ARG A 561 -3.50 29.68 -22.98
C ARG A 561 -4.82 29.23 -23.59
N SER A 562 -5.22 29.78 -24.72
CA SER A 562 -6.42 29.31 -25.39
C SER A 562 -6.27 27.87 -25.89
N VAL A 563 -5.04 27.41 -26.10
CA VAL A 563 -4.76 26.05 -26.54
C VAL A 563 -3.91 25.28 -25.53
N SER A 564 -2.91 25.93 -24.95
CA SER A 564 -1.98 25.23 -24.06
C SER A 564 -2.68 24.70 -22.81
N PHE A 565 -3.59 25.53 -22.29
CA PHE A 565 -4.34 25.18 -21.05
C PHE A 565 -3.36 24.94 -19.90
N ASP A 566 -2.11 25.39 -20.07
CA ASP A 566 -1.09 25.15 -19.02
C ASP A 566 -0.73 26.49 -18.38
N ASN A 567 -0.79 26.54 -17.04
CA ASN A 567 -0.50 27.79 -16.32
C ASN A 567 0.64 27.56 -15.32
N SER A 568 1.40 26.49 -15.50
CA SER A 568 2.53 26.18 -14.60
C SER A 568 3.73 27.08 -14.90
N PHE A 569 4.71 27.13 -14.00
CA PHE A 569 5.93 27.96 -14.19
C PHE A 569 6.67 27.47 -15.43
N ASN A 570 6.43 26.22 -15.84
CA ASN A 570 7.05 25.69 -17.07
C ASN A 570 6.60 26.54 -18.26
N ASN A 571 5.35 27.03 -18.23
CA ASN A 571 4.81 27.82 -19.36
C ASN A 571 4.95 29.33 -19.06
N LYS A 572 5.81 29.71 -18.11
CA LYS A 572 6.04 31.15 -17.80
C LYS A 572 7.49 31.55 -18.09
N VAL A 573 7.73 32.82 -18.46
CA VAL A 573 9.11 33.35 -18.71
C VAL A 573 9.15 34.84 -18.39
N LEU A 574 10.34 35.37 -18.09
CA LEU A 574 10.51 36.82 -17.83
C LEU A 574 10.99 37.47 -19.12
N VAL A 575 10.23 38.42 -19.67
CA VAL A 575 10.59 38.99 -21.00
C VAL A 575 10.44 40.52 -20.98
N LYS A 576 11.02 41.18 -21.98
CA LYS A 576 10.87 42.65 -22.10
C LYS A 576 9.44 42.96 -22.54
N GLN A 577 8.78 43.94 -21.91
CA GLN A 577 7.43 44.37 -22.28
C GLN A 577 7.28 44.49 -23.80
N GLU A 578 8.29 45.02 -24.48
CA GLU A 578 8.23 45.11 -25.94
C GLU A 578 8.24 43.73 -26.57
N GLU A 579 9.03 42.81 -26.00
CA GLU A 579 9.09 41.45 -26.52
C GLU A 579 7.73 40.77 -26.40
N ASN A 580 7.09 40.91 -25.24
CA ASN A 580 5.78 40.31 -25.04
C ASN A 580 4.74 40.95 -25.95
N SER A 581 4.79 42.28 -26.10
CA SER A 581 3.83 42.96 -26.97
C SER A 581 3.99 42.52 -28.42
N LYS A 582 5.23 42.37 -28.89
CA LYS A 582 5.45 41.94 -30.26
C LYS A 582 5.09 40.48 -30.46
N LYS A 583 5.27 39.65 -29.42
CA LYS A 583 5.05 38.21 -29.56
C LYS A 583 3.58 37.89 -29.82
N GLY A 584 2.68 38.48 -29.03
CA GLY A 584 1.27 38.25 -29.25
C GLY A 584 0.84 36.84 -28.86
N ASN A 585 -0.32 36.45 -29.40
CA ASN A 585 -0.89 35.13 -29.15
C ASN A 585 -0.42 34.14 -30.22
N ARG A 586 0.88 33.88 -30.20
CA ARG A 586 1.52 33.05 -31.21
C ARG A 586 2.54 32.14 -30.52
N THR A 587 3.42 31.54 -31.32
CA THR A 587 4.44 30.63 -30.83
C THR A 587 5.83 31.24 -31.00
N PRO A 588 6.78 30.87 -30.15
CA PRO A 588 8.15 31.41 -30.30
C PRO A 588 8.81 31.06 -31.62
N PHE A 589 8.40 29.94 -32.25
CA PHE A 589 9.03 29.53 -33.50
C PHE A 589 8.86 30.59 -34.58
N GLN A 590 7.61 30.90 -34.94
CA GLN A 590 7.35 31.89 -35.98
C GLN A 590 7.76 33.30 -35.59
N TYR A 591 7.91 33.58 -34.29
CA TYR A 591 8.29 34.92 -33.85
C TYR A 591 9.80 35.12 -33.96
N LEU A 592 10.59 34.12 -33.54
CA LEU A 592 12.02 34.17 -33.77
C LEU A 592 12.33 34.07 -35.26
N SER A 593 11.50 33.37 -36.01
CA SER A 593 11.61 33.40 -37.47
C SER A 593 11.33 34.80 -38.00
N SER A 594 10.37 35.49 -37.40
CA SER A 594 10.06 36.85 -37.80
C SER A 594 11.20 37.80 -37.40
N SER A 595 11.25 38.95 -38.08
CA SER A 595 12.32 39.91 -37.86
C SER A 595 12.14 40.74 -36.60
N ASP A 596 11.01 40.59 -35.89
CA ASP A 596 10.78 41.39 -34.69
C ASP A 596 11.81 41.06 -33.61
N SER A 597 12.13 39.79 -33.43
CA SER A 597 13.12 39.40 -32.44
C SER A 597 14.52 39.84 -32.85
N LYS A 598 15.33 40.21 -31.87
CA LYS A 598 16.71 40.69 -32.17
C LYS A 598 17.69 39.51 -32.10
N ILE A 599 17.18 38.26 -32.12
CA ILE A 599 18.08 37.06 -32.20
C ILE A 599 17.49 36.07 -33.21
N SER A 600 18.34 35.25 -33.83
CA SER A 600 17.88 34.25 -34.84
C SER A 600 17.32 33.00 -34.16
N TYR A 601 16.42 32.28 -34.85
CA TYR A 601 15.77 31.08 -34.26
C TYR A 601 16.80 30.00 -33.94
N GLU A 602 17.73 29.75 -34.86
CA GLU A 602 18.71 28.65 -34.66
C GLU A 602 19.58 28.95 -33.44
N THR A 603 20.04 30.20 -33.30
CA THR A 603 20.86 30.57 -32.13
C THR A 603 20.01 30.40 -30.87
N PHE A 604 18.74 30.82 -30.95
CA PHE A 604 17.82 30.66 -29.80
C PHE A 604 17.77 29.17 -29.43
N LYS A 605 17.56 28.32 -30.43
CA LYS A 605 17.45 26.86 -30.16
C LYS A 605 18.76 26.39 -29.54
N LYS A 606 19.89 26.86 -30.08
CA LYS A 606 21.19 26.36 -29.57
C LYS A 606 21.32 26.77 -28.10
N HIS A 607 20.98 28.02 -27.80
CA HIS A 607 21.09 28.51 -26.42
C HIS A 607 20.13 27.71 -25.55
N ILE A 608 18.91 27.47 -26.03
CA ILE A 608 17.89 26.78 -25.20
C ILE A 608 18.38 25.35 -24.91
N LEU A 609 18.89 24.66 -25.92
CA LEU A 609 19.27 23.25 -25.70
C LEU A 609 20.41 23.18 -24.68
N ASN A 610 21.43 24.03 -24.84
CA ASN A 610 22.60 23.96 -23.93
C ASN A 610 22.14 24.35 -22.53
N LEU A 611 21.29 25.38 -22.44
CA LEU A 611 20.81 25.85 -21.12
C LEU A 611 20.00 24.73 -20.45
N ALA A 612 19.22 23.98 -21.24
CA ALA A 612 18.36 22.94 -20.64
C ALA A 612 19.23 21.89 -19.94
N LYS A 613 20.30 21.45 -20.62
CA LYS A 613 21.22 20.45 -20.03
C LYS A 613 21.94 21.06 -18.82
N GLY A 614 22.32 22.33 -18.88
CA GLY A 614 23.15 22.92 -17.81
C GLY A 614 22.38 23.37 -16.57
N LYS A 615 22.69 22.80 -15.41
CA LYS A 615 22.09 23.22 -14.11
C LYS A 615 20.65 22.71 -13.97
N GLY A 616 20.17 21.93 -14.94
CA GLY A 616 18.81 21.36 -14.84
C GLY A 616 17.80 22.47 -14.59
N ARG A 617 17.96 23.61 -15.26
CA ARG A 617 17.07 24.77 -14.99
C ARG A 617 15.92 24.79 -16.00
N ILE A 618 16.08 24.11 -17.14
CA ILE A 618 14.96 24.05 -18.07
C ILE A 618 14.37 22.64 -18.00
N SER A 619 13.07 22.57 -17.73
CA SER A 619 12.40 21.28 -17.64
C SER A 619 12.22 20.67 -19.03
N LYS A 620 11.84 19.40 -19.04
CA LYS A 620 11.66 18.69 -20.31
C LYS A 620 10.55 19.30 -21.14
N THR A 621 9.43 19.66 -20.50
CA THR A 621 8.31 20.24 -21.24
C THR A 621 8.58 21.69 -21.62
N LYS A 622 9.45 22.39 -20.89
CA LYS A 622 9.71 23.79 -21.20
C LYS A 622 10.37 23.96 -22.57
N LYS A 623 11.39 23.14 -22.86
CA LYS A 623 12.04 23.25 -24.16
C LYS A 623 11.13 22.77 -25.28
N GLU A 624 10.26 21.80 -25.01
CA GLU A 624 9.29 21.38 -26.01
C GLU A 624 8.32 22.51 -26.33
N TYR A 625 7.85 23.23 -25.30
CA TYR A 625 6.97 24.37 -25.54
C TYR A 625 7.71 25.49 -26.29
N LEU A 626 8.96 25.75 -25.92
CA LEU A 626 9.74 26.77 -26.61
C LEU A 626 9.99 26.40 -28.06
N LEU A 627 10.29 25.13 -28.33
CA LEU A 627 10.65 24.66 -29.66
C LEU A 627 9.49 23.98 -30.36
N GLU A 628 8.25 24.37 -30.07
CA GLU A 628 7.09 23.78 -30.71
C GLU A 628 6.94 24.36 -32.11
N GLU A 629 7.54 23.69 -33.10
CA GLU A 629 7.49 24.16 -34.48
C GLU A 629 6.14 23.89 -35.14
N ARG A 630 5.44 22.84 -34.73
CA ARG A 630 4.15 22.52 -35.35
C ARG A 630 3.13 23.62 -35.07
N ASP A 631 2.35 23.95 -36.09
CA ASP A 631 1.39 25.04 -35.98
C ASP A 631 0.27 24.68 -35.02
N ILE A 632 -0.07 25.62 -34.13
CA ILE A 632 -1.14 25.39 -33.17
C ILE A 632 -2.50 25.45 -33.84
N ASN A 633 -2.58 26.02 -35.04
CA ASN A 633 -3.86 26.15 -35.72
C ASN A 633 -4.41 24.78 -36.12
N ARG A 634 -3.54 23.78 -36.26
CA ARG A 634 -3.99 22.45 -36.66
C ARG A 634 -4.85 21.84 -35.56
N PHE A 635 -5.92 21.15 -35.97
CA PHE A 635 -6.85 20.54 -35.02
C PHE A 635 -6.17 19.46 -34.21
N SER A 636 -5.31 18.65 -34.84
CA SER A 636 -4.62 17.58 -34.14
C SER A 636 -3.69 18.16 -33.06
N VAL A 637 -3.06 19.29 -33.34
CA VAL A 637 -2.07 19.85 -32.37
C VAL A 637 -2.80 20.44 -31.15
N GLN A 638 -3.91 21.14 -31.40
CA GLN A 638 -4.70 21.69 -30.27
C GLN A 638 -5.20 20.50 -29.43
N LYS A 639 -5.65 19.45 -30.10
CA LYS A 639 -6.17 18.26 -29.39
C LYS A 639 -5.04 17.67 -28.55
N ASP A 640 -3.84 17.60 -29.11
CA ASP A 640 -2.69 17.02 -28.37
C ASP A 640 -2.43 17.87 -27.12
N PHE A 641 -2.46 19.19 -27.27
CA PHE A 641 -2.20 20.06 -26.11
C PHE A 641 -3.29 19.83 -25.06
N ILE A 642 -4.56 19.77 -25.48
CA ILE A 642 -5.68 19.54 -24.53
C ILE A 642 -5.41 18.24 -23.77
N ASN A 643 -5.04 17.18 -24.49
CA ASN A 643 -4.87 15.86 -23.85
C ASN A 643 -3.68 15.90 -22.87
N ARG A 644 -2.63 16.62 -23.22
CA ARG A 644 -1.44 16.57 -22.33
C ARG A 644 -1.67 17.48 -21.13
N ASN A 645 -2.57 18.46 -21.25
CA ASN A 645 -2.66 19.42 -20.16
C ASN A 645 -4.01 19.45 -19.47
N LEU A 646 -5.10 19.09 -20.15
CA LEU A 646 -6.43 19.18 -19.57
C LEU A 646 -7.12 17.84 -19.37
N VAL A 647 -6.83 16.83 -20.19
CA VAL A 647 -7.48 15.53 -20.12
C VAL A 647 -6.54 14.58 -19.41
N ASP A 648 -7.05 13.87 -18.40
CA ASP A 648 -6.24 12.90 -17.67
C ASP A 648 -5.89 11.73 -18.58
N THR A 649 -4.70 11.15 -18.38
CA THR A 649 -4.28 10.07 -19.32
C THR A 649 -3.91 8.81 -18.53
N ARG A 650 -3.95 8.88 -17.21
CA ARG A 650 -3.52 7.72 -16.41
C ARG A 650 -4.52 6.59 -16.65
N TYR A 651 -4.09 5.33 -16.53
CA TYR A 651 -4.99 4.19 -16.89
C TYR A 651 -6.24 4.22 -16.03
N ALA A 652 -6.10 4.56 -14.75
CA ALA A 652 -7.28 4.47 -13.88
C ALA A 652 -8.38 5.41 -14.35
N THR A 653 -8.06 6.67 -14.62
CA THR A 653 -9.18 7.59 -14.96
C THR A 653 -9.82 7.09 -16.24
N ARG A 654 -8.98 6.68 -17.19
CA ARG A 654 -9.51 6.27 -18.50
C ARG A 654 -10.49 5.10 -18.29
N GLY A 655 -10.05 4.07 -17.57
CA GLY A 655 -10.92 2.91 -17.40
C GLY A 655 -12.27 3.28 -16.84
N LEU A 656 -12.28 4.14 -15.81
CA LEU A 656 -13.56 4.58 -15.24
C LEU A 656 -14.38 5.34 -16.27
N MET A 657 -13.74 6.23 -17.04
CA MET A 657 -14.43 6.98 -18.08
C MET A 657 -15.01 6.03 -19.13
N ASN A 658 -14.22 5.05 -19.57
CA ASN A 658 -14.70 4.10 -20.57
C ASN A 658 -15.88 3.30 -20.04
N LEU A 659 -15.81 2.87 -18.78
CA LEU A 659 -16.91 2.11 -18.20
C LEU A 659 -18.19 2.94 -18.16
N LEU A 660 -18.10 4.18 -17.67
CA LEU A 660 -19.29 5.01 -17.59
C LEU A 660 -19.83 5.34 -18.98
N ARG A 661 -18.95 5.64 -19.93
CA ARG A 661 -19.40 5.93 -21.29
C ARG A 661 -20.08 4.74 -21.93
N SER A 662 -19.52 3.54 -21.73
CA SER A 662 -20.16 2.34 -22.26
C SER A 662 -21.51 2.11 -21.63
N TYR A 663 -21.63 2.31 -20.31
CA TYR A 663 -22.92 2.12 -19.66
C TYR A 663 -23.95 3.09 -20.19
N PHE A 664 -23.57 4.37 -20.34
CA PHE A 664 -24.53 5.36 -20.82
C PHE A 664 -24.87 5.15 -22.29
N ARG A 665 -23.93 4.63 -23.08
CA ARG A 665 -24.20 4.42 -24.50
C ARG A 665 -25.10 3.20 -24.71
N VAL A 666 -24.88 2.13 -23.95
CA VAL A 666 -25.68 0.93 -24.11
C VAL A 666 -27.14 1.21 -23.79
N ASN A 667 -27.38 1.94 -22.70
CA ASN A 667 -28.74 2.29 -22.30
C ASN A 667 -29.30 3.48 -23.07
N ASN A 668 -28.54 4.03 -24.02
CA ASN A 668 -28.99 5.13 -24.86
C ASN A 668 -29.39 6.35 -24.02
N LEU A 669 -28.54 6.71 -23.07
CA LEU A 669 -28.76 7.88 -22.22
C LEU A 669 -27.82 8.99 -22.65
N ASP A 670 -28.38 10.16 -22.95
CA ASP A 670 -27.61 11.31 -23.45
C ASP A 670 -26.86 11.97 -22.28
N VAL A 671 -25.86 11.26 -21.79
CA VAL A 671 -25.07 11.70 -20.64
C VAL A 671 -23.63 11.86 -21.11
N LYS A 672 -23.10 13.07 -21.03
CA LYS A 672 -21.71 13.34 -21.37
C LYS A 672 -20.87 13.32 -20.10
N VAL A 673 -19.82 12.51 -20.10
CA VAL A 673 -18.92 12.39 -18.97
C VAL A 673 -17.53 12.84 -19.42
N LYS A 674 -16.85 13.60 -18.57
CA LYS A 674 -15.59 14.25 -18.93
C LYS A 674 -14.67 14.28 -17.73
N SER A 675 -13.37 14.39 -18.00
CA SER A 675 -12.33 14.33 -16.98
C SER A 675 -11.55 15.63 -16.97
N ILE A 676 -10.94 15.96 -15.82
CA ILE A 676 -10.17 17.18 -15.64
C ILE A 676 -8.85 16.83 -14.99
N ASN A 677 -7.76 17.44 -15.48
CA ASN A 677 -6.43 17.18 -14.94
C ASN A 677 -6.32 17.72 -13.52
N GLY A 678 -5.40 17.13 -12.75
CA GLY A 678 -5.24 17.50 -11.35
C GLY A 678 -4.78 18.93 -11.14
N GLY A 679 -3.91 19.44 -12.03
CA GLY A 679 -3.42 20.79 -11.88
C GLY A 679 -4.44 21.85 -12.26
N PHE A 680 -5.40 21.51 -13.12
CA PHE A 680 -6.38 22.48 -13.55
C PHE A 680 -7.27 22.94 -12.40
N THR A 681 -7.69 22.00 -11.54
CA THR A 681 -8.50 22.39 -10.39
C THR A 681 -7.70 23.21 -9.40
N SER A 682 -6.40 22.92 -9.25
CA SER A 682 -5.56 23.73 -8.37
C SER A 682 -5.44 25.16 -8.90
N PHE A 683 -5.26 25.30 -10.21
CA PHE A 683 -5.21 26.63 -10.80
C PHE A 683 -6.53 27.37 -10.63
N LEU A 684 -7.65 26.68 -10.87
CA LEU A 684 -8.94 27.36 -10.76
C LEU A 684 -9.28 27.68 -9.32
N ARG A 685 -8.75 26.90 -8.37
CA ARG A 685 -8.84 27.26 -6.95
C ARG A 685 -8.03 28.51 -6.67
N ARG A 686 -6.80 28.59 -7.21
CA ARG A 686 -5.94 29.73 -6.94
C ARG A 686 -6.53 31.02 -7.52
N LYS A 687 -7.04 30.96 -8.75
CA LYS A 687 -7.49 32.21 -9.41
C LYS A 687 -8.84 32.67 -8.89
N TRP A 688 -9.62 31.79 -8.27
CA TRP A 688 -10.88 32.27 -7.66
C TRP A 688 -10.61 32.62 -6.20
N LYS A 689 -9.36 32.45 -5.75
CA LYS A 689 -8.95 32.83 -4.36
C LYS A 689 -9.78 32.08 -3.30
N PHE A 690 -10.04 30.80 -3.51
CA PHE A 690 -10.77 30.00 -2.49
C PHE A 690 -9.79 29.33 -1.53
N LYS A 691 -8.48 29.42 -1.80
CA LYS A 691 -7.52 28.64 -0.95
C LYS A 691 -7.17 29.41 0.32
N LYS A 692 -8.15 29.66 1.19
CA LYS A 692 -7.86 30.31 2.50
C LYS A 692 -7.07 29.36 3.40
N GLU A 693 -7.46 28.09 3.47
CA GLU A 693 -6.82 27.12 4.42
C GLU A 693 -7.10 25.69 3.93
N ARG A 694 -6.38 24.69 4.44
CA ARG A 694 -6.67 23.27 4.08
C ARG A 694 -7.06 22.48 5.34
N ASN A 695 -7.39 23.14 6.45
CA ASN A 695 -7.66 22.38 7.70
C ASN A 695 -9.09 22.60 8.18
N LYS A 696 -10.01 22.98 7.29
CA LYS A 696 -11.39 23.25 7.75
C LYS A 696 -12.12 21.92 7.88
N GLY A 697 -11.40 20.83 7.71
CA GLY A 697 -12.01 19.51 7.79
C GLY A 697 -12.16 18.82 6.45
N TYR A 698 -13.20 18.01 6.32
CA TYR A 698 -13.47 17.28 5.09
C TYR A 698 -14.21 18.11 4.06
N LYS A 699 -14.74 19.25 4.49
CA LYS A 699 -15.54 20.06 3.55
C LYS A 699 -14.64 20.47 2.38
N HIS A 700 -13.32 20.35 2.54
CA HIS A 700 -12.41 20.66 1.40
C HIS A 700 -12.71 19.69 0.24
N HIS A 701 -12.84 18.39 0.54
CA HIS A 701 -13.05 17.42 -0.56
C HIS A 701 -14.39 17.73 -1.23
N ALA A 702 -15.32 18.38 -0.52
CA ALA A 702 -16.56 18.75 -1.20
C ALA A 702 -16.35 19.97 -2.08
N GLU A 703 -15.74 21.02 -1.52
CA GLU A 703 -15.63 22.30 -2.23
C GLU A 703 -14.94 22.13 -3.58
N ASP A 704 -13.80 21.45 -3.59
CA ASP A 704 -13.10 21.20 -4.85
C ASP A 704 -14.04 20.57 -5.87
N ALA A 705 -14.80 19.54 -5.44
CA ALA A 705 -15.75 18.90 -6.33
C ALA A 705 -16.70 19.92 -6.94
N LEU A 706 -17.23 20.82 -6.12
CA LEU A 706 -18.10 21.87 -6.64
C LEU A 706 -17.42 22.63 -7.77
N ILE A 707 -16.18 23.08 -7.53
CA ILE A 707 -15.44 23.80 -8.56
C ILE A 707 -15.35 22.97 -9.82
N ILE A 708 -15.11 21.67 -9.67
CA ILE A 708 -15.01 20.79 -10.83
C ILE A 708 -16.27 20.90 -11.68
N ALA A 709 -17.44 20.82 -11.05
CA ALA A 709 -18.67 20.93 -11.81
C ALA A 709 -18.77 22.28 -12.49
N ASN A 710 -18.36 23.34 -11.79
CA ASN A 710 -18.41 24.68 -12.37
C ASN A 710 -17.60 24.76 -13.66
N ALA A 711 -16.55 23.94 -13.79
CA ALA A 711 -15.77 23.95 -15.01
C ALA A 711 -16.64 23.67 -16.23
N ASP A 712 -17.54 22.69 -16.11
CA ASP A 712 -18.44 22.41 -17.23
C ASP A 712 -19.18 23.66 -17.67
N PHE A 713 -19.67 24.44 -16.70
CA PHE A 713 -20.52 25.56 -17.08
C PHE A 713 -19.70 26.66 -17.75
N ILE A 714 -18.38 26.68 -17.50
CA ILE A 714 -17.56 27.67 -18.17
C ILE A 714 -16.95 27.11 -19.45
N PHE A 715 -17.29 25.87 -19.81
CA PHE A 715 -16.90 25.29 -21.08
C PHE A 715 -18.05 25.23 -22.07
N LYS A 716 -19.20 25.82 -21.75
CA LYS A 716 -20.33 25.89 -22.67
C LYS A 716 -20.90 27.29 -22.82
N GLU A 717 -20.65 28.21 -21.88
CA GLU A 717 -21.07 29.60 -22.05
C GLU A 717 -20.23 30.36 -23.06
N TRP A 718 -19.06 29.83 -23.42
CA TRP A 718 -18.16 30.48 -24.36
C TRP A 718 -17.94 29.54 -25.54
N LYS A 719 -18.29 30.00 -26.74
CA LYS A 719 -18.07 29.19 -27.93
C LYS A 719 -16.60 29.08 -28.30
N LYS A 720 -15.76 30.03 -27.83
CA LYS A 720 -14.35 30.04 -28.18
C LYS A 720 -13.68 28.71 -27.81
N LEU A 721 -14.05 28.14 -26.68
CA LEU A 721 -13.53 26.85 -26.23
C LEU A 721 -14.50 25.71 -26.45
N ASP A 722 -15.67 25.99 -27.07
CA ASP A 722 -16.71 24.98 -27.18
C ASP A 722 -16.23 23.74 -27.91
N LYS A 723 -15.53 23.93 -29.04
CA LYS A 723 -14.98 22.79 -29.76
C LYS A 723 -14.07 21.96 -28.87
N ALA A 724 -13.25 22.63 -28.05
CA ALA A 724 -12.39 21.91 -27.11
C ALA A 724 -13.21 21.00 -26.21
N LYS A 725 -14.37 21.47 -25.76
CA LYS A 725 -15.26 20.63 -24.96
C LYS A 725 -15.61 19.36 -25.73
N LYS A 726 -15.98 19.49 -27.00
CA LYS A 726 -16.31 18.33 -27.81
C LYS A 726 -15.12 17.38 -27.91
N VAL A 727 -13.91 17.93 -27.86
CA VAL A 727 -12.72 17.09 -27.84
C VAL A 727 -12.60 16.39 -26.49
N MET A 728 -12.81 17.13 -25.40
CA MET A 728 -12.54 16.59 -24.07
C MET A 728 -13.72 15.76 -23.56
N GLU A 729 -14.92 16.05 -24.02
CA GLU A 729 -16.11 15.29 -23.63
C GLU A 729 -16.31 14.03 -24.47
N ASN A 730 -15.45 13.78 -25.45
CA ASN A 730 -15.56 12.60 -26.29
C ASN A 730 -14.64 11.49 -25.77
N GLU A 743 -11.53 30.69 -31.47
CA GLU A 743 -10.25 30.38 -32.09
C GLU A 743 -9.09 30.74 -31.16
N ILE A 744 -7.95 31.10 -31.75
CA ILE A 744 -6.79 31.47 -30.96
C ILE A 744 -7.05 32.80 -30.28
N GLU A 745 -6.81 32.85 -28.97
CA GLU A 745 -7.09 34.03 -28.18
C GLU A 745 -5.88 34.39 -27.32
N THR A 746 -5.81 35.68 -26.97
CA THR A 746 -4.72 36.18 -26.13
C THR A 746 -4.96 35.81 -24.67
N GLU A 747 -3.96 36.13 -23.83
CA GLU A 747 -4.02 35.73 -22.43
C GLU A 747 -5.01 36.58 -21.62
N GLN A 748 -5.23 37.84 -22.00
CA GLN A 748 -6.22 38.64 -21.28
C GLN A 748 -7.63 38.15 -21.58
N GLU A 749 -7.86 37.61 -22.78
CA GLU A 749 -9.12 36.91 -23.04
C GLU A 749 -9.27 35.69 -22.14
N TYR A 750 -8.18 34.94 -21.94
CA TYR A 750 -8.23 33.79 -21.03
C TYR A 750 -8.58 34.22 -19.62
N LYS A 751 -7.98 35.31 -19.15
CA LYS A 751 -8.31 35.84 -17.83
C LYS A 751 -9.77 36.27 -17.76
N GLU A 752 -10.27 36.92 -18.81
CA GLU A 752 -11.68 37.30 -18.84
C GLU A 752 -12.58 36.07 -18.75
N ILE A 753 -12.20 34.99 -19.44
CA ILE A 753 -13.04 33.79 -19.45
C ILE A 753 -13.05 33.10 -18.10
N PHE A 754 -11.88 32.94 -17.45
CA PHE A 754 -11.82 32.08 -16.28
C PHE A 754 -11.76 32.81 -14.95
N ILE A 755 -11.10 33.95 -14.86
CA ILE A 755 -10.95 34.62 -13.57
C ILE A 755 -12.29 35.07 -13.01
N THR A 756 -13.26 35.38 -13.88
CA THR A 756 -14.47 36.10 -13.48
C THR A 756 -15.16 35.43 -12.29
N PRO A 757 -15.14 36.06 -11.10
CA PRO A 757 -15.71 35.43 -9.91
C PRO A 757 -17.18 35.75 -9.69
N HIS A 758 -18.02 35.61 -10.72
CA HIS A 758 -19.44 35.91 -10.56
C HIS A 758 -20.22 34.62 -10.31
N GLN A 759 -21.10 34.64 -9.30
CA GLN A 759 -21.89 33.49 -8.87
C GLN A 759 -20.99 32.36 -8.37
N ILE A 760 -19.73 32.69 -8.02
CA ILE A 760 -18.85 31.71 -7.39
C ILE A 760 -18.80 31.90 -5.88
N LYS A 761 -19.36 33.00 -5.38
CA LYS A 761 -19.44 33.20 -3.93
C LYS A 761 -20.37 32.20 -3.28
N HIS A 762 -21.17 31.51 -4.09
CA HIS A 762 -22.06 30.48 -3.54
C HIS A 762 -21.26 29.37 -2.88
N ILE A 763 -20.14 28.97 -3.48
CA ILE A 763 -19.27 27.96 -2.87
C ILE A 763 -18.73 28.48 -1.56
N LYS A 764 -18.43 29.79 -1.49
CA LYS A 764 -17.93 30.36 -0.24
C LYS A 764 -18.98 30.31 0.87
N ASP A 765 -20.22 30.63 0.50
CA ASP A 765 -21.30 30.73 1.54
C ASP A 765 -22.00 29.41 1.85
N PHE A 766 -22.01 28.43 0.95
CA PHE A 766 -22.80 27.21 1.25
C PHE A 766 -22.26 26.59 2.54
N LYS A 767 -23.15 26.28 3.49
CA LYS A 767 -22.71 25.75 4.79
C LYS A 767 -23.27 24.33 5.03
N ASP A 768 -24.33 23.96 4.31
CA ASP A 768 -24.98 22.64 4.55
C ASP A 768 -24.23 21.51 3.85
N TYR A 769 -22.96 21.34 4.17
CA TYR A 769 -22.17 20.31 3.45
C TYR A 769 -22.42 18.98 4.15
N LYS A 770 -23.31 18.17 3.58
CA LYS A 770 -23.63 16.86 4.20
C LYS A 770 -22.36 16.02 4.21
N TYR A 771 -22.11 15.28 5.28
CA TYR A 771 -20.96 14.35 5.25
C TYR A 771 -21.53 12.97 5.52
N SER A 772 -20.79 11.90 5.24
CA SER A 772 -21.24 10.54 5.57
C SER A 772 -20.02 9.68 5.83
N HIS A 773 -20.14 8.61 6.60
CA HIS A 773 -18.98 7.72 6.77
C HIS A 773 -19.41 6.29 6.44
N ARG A 774 -18.47 5.38 6.16
CA ARG A 774 -18.89 4.03 5.74
C ARG A 774 -18.99 3.14 6.96
N VAL A 775 -20.19 2.66 7.29
CA VAL A 775 -20.38 1.76 8.46
C VAL A 775 -19.64 0.46 8.16
N ASP A 776 -19.09 -0.20 9.17
CA ASP A 776 -18.29 -1.41 8.89
C ASP A 776 -18.85 -2.58 9.68
N LYS A 777 -19.98 -3.11 9.24
CA LYS A 777 -20.65 -4.20 9.99
C LYS A 777 -19.89 -5.51 9.85
N LYS A 778 -18.95 -5.61 8.90
CA LYS A 778 -18.29 -6.92 8.63
C LYS A 778 -18.01 -7.66 9.93
N PRO A 779 -18.44 -8.91 10.14
CA PRO A 779 -18.04 -9.64 11.32
C PRO A 779 -16.70 -10.32 11.09
N ASN A 780 -16.16 -11.04 12.08
CA ASN A 780 -14.89 -11.78 11.94
C ASN A 780 -13.76 -10.84 11.56
N ARG A 781 -13.86 -9.55 11.86
CA ARG A 781 -12.84 -8.59 11.38
C ARG A 781 -11.47 -8.93 11.94
N GLU A 782 -11.36 -9.16 13.24
CA GLU A 782 -10.10 -9.61 13.87
C GLU A 782 -10.55 -10.00 15.26
N LEU A 783 -9.82 -10.82 15.98
CA LEU A 783 -10.35 -11.15 17.31
C LEU A 783 -9.37 -10.66 18.37
N ILE A 784 -8.24 -11.33 18.52
CA ILE A 784 -7.32 -10.96 19.62
C ILE A 784 -5.93 -10.68 19.07
N ASN A 785 -5.32 -9.57 19.47
CA ASN A 785 -3.92 -9.29 19.10
C ASN A 785 -3.09 -10.54 19.41
N ASP A 786 -2.20 -10.98 18.52
CA ASP A 786 -1.48 -12.27 18.73
C ASP A 786 -0.10 -12.13 19.34
N THR A 787 0.06 -12.41 20.63
CA THR A 787 1.37 -12.46 21.31
C THR A 787 0.99 -13.18 22.60
N LEU A 788 1.25 -14.47 22.68
CA LEU A 788 0.71 -15.26 23.79
C LEU A 788 1.51 -14.96 25.04
N TYR A 789 1.37 -13.77 25.61
CA TYR A 789 2.06 -13.40 26.86
C TYR A 789 1.77 -14.39 27.98
N SER A 790 2.78 -14.85 28.70
CA SER A 790 2.59 -15.76 29.85
C SER A 790 2.24 -14.94 31.07
N THR A 791 1.83 -15.55 32.17
CA THR A 791 1.59 -14.72 33.38
C THR A 791 2.12 -15.37 34.64
N ARG A 792 2.43 -14.59 35.68
CA ARG A 792 2.83 -15.12 36.97
C ARG A 792 1.93 -14.53 38.04
N LYS A 793 2.01 -15.10 39.24
CA LYS A 793 1.26 -14.61 40.39
C LYS A 793 2.23 -14.02 41.40
N ASP A 794 1.94 -12.82 41.87
CA ASP A 794 2.81 -12.11 42.78
C ASP A 794 2.39 -12.37 44.23
N ASP A 795 3.03 -11.67 45.17
CA ASP A 795 2.75 -11.88 46.59
C ASP A 795 1.36 -11.37 46.97
N LYS A 796 0.95 -10.24 46.39
CA LYS A 796 -0.31 -9.61 46.77
C LYS A 796 -1.54 -10.31 46.19
N GLY A 797 -1.36 -11.44 45.52
CA GLY A 797 -2.48 -12.19 44.98
C GLY A 797 -2.90 -11.81 43.58
N ASN A 798 -2.32 -10.77 42.99
CA ASN A 798 -2.66 -10.38 41.64
C ASN A 798 -1.95 -11.28 40.63
N THR A 799 -2.18 -11.02 39.36
CA THR A 799 -1.53 -11.71 38.26
C THR A 799 -0.86 -10.69 37.35
N LEU A 800 0.41 -10.91 37.05
CA LEU A 800 1.21 -10.00 36.26
C LEU A 800 1.63 -10.64 34.94
N ILE A 801 1.58 -9.85 33.88
CA ILE A 801 2.05 -10.27 32.56
C ILE A 801 3.57 -10.23 32.56
N VAL A 802 4.20 -11.23 31.95
CA VAL A 802 5.68 -11.34 31.99
C VAL A 802 6.24 -11.00 30.62
N ASN A 803 6.42 -9.73 30.31
CA ASN A 803 7.06 -9.33 29.03
C ASN A 803 8.51 -9.76 29.08
N ASN A 804 9.14 -10.06 27.94
CA ASN A 804 10.52 -10.58 27.96
C ASN A 804 11.49 -9.60 27.29
N LEU A 805 12.61 -9.26 27.96
CA LEU A 805 13.63 -8.35 27.38
C LEU A 805 14.39 -9.12 26.32
N ASN A 806 14.54 -8.57 25.11
CA ASN A 806 15.19 -9.31 24.01
C ASN A 806 16.27 -8.42 23.38
N GLY A 807 17.23 -9.03 22.68
CA GLY A 807 18.33 -8.25 22.06
C GLY A 807 19.11 -7.45 23.07
N LEU A 808 19.45 -8.05 24.20
CA LEU A 808 20.17 -7.32 25.27
C LEU A 808 21.52 -6.90 24.72
N TYR A 809 22.20 -7.76 23.99
CA TYR A 809 23.57 -7.44 23.55
C TYR A 809 23.61 -6.35 22.47
N ASP A 810 22.47 -6.00 21.87
CA ASP A 810 22.48 -5.01 20.76
C ASP A 810 22.95 -3.65 21.28
N LYS A 811 23.62 -2.86 20.43
CA LYS A 811 24.22 -1.56 20.88
C LYS A 811 23.21 -0.52 21.36
N ASP A 812 22.04 -0.38 20.71
CA ASP A 812 21.13 0.74 21.06
C ASP A 812 20.07 0.41 22.12
N ASN A 813 19.86 -0.86 22.46
CA ASN A 813 18.74 -1.19 23.38
C ASN A 813 19.17 -1.04 24.84
N ASP A 814 18.74 0.03 25.51
CA ASP A 814 19.20 0.27 26.89
C ASP A 814 18.15 -0.13 27.92
N LYS A 815 17.18 -0.95 27.54
CA LYS A 815 16.09 -1.21 28.51
C LYS A 815 16.68 -1.82 29.78
N LEU A 816 17.56 -2.81 29.64
CA LEU A 816 18.02 -3.49 30.87
C LEU A 816 18.58 -2.41 31.78
N LYS A 817 19.35 -1.49 31.22
CA LYS A 817 19.99 -0.50 32.09
C LYS A 817 18.90 0.24 32.84
N LYS A 818 17.96 0.83 32.12
CA LYS A 818 16.98 1.70 32.81
C LYS A 818 16.28 0.89 33.89
N LEU A 819 15.89 -0.34 33.60
CA LEU A 819 15.13 -1.11 34.60
C LEU A 819 16.05 -1.37 35.77
N ILE A 820 17.28 -1.81 35.51
CA ILE A 820 18.16 -2.20 36.65
C ILE A 820 18.21 -1.05 37.65
N ASN A 821 18.59 0.14 37.21
CA ASN A 821 18.77 1.25 38.18
C ASN A 821 17.42 1.62 38.81
N LYS A 822 16.36 1.79 38.01
CA LYS A 822 15.06 2.26 38.57
C LYS A 822 14.36 1.22 39.44
N SER A 823 14.23 -0.03 38.96
CA SER A 823 13.45 -1.05 39.71
C SER A 823 14.00 -2.46 39.48
N PRO A 824 15.01 -2.91 40.23
CA PRO A 824 15.57 -4.22 40.05
C PRO A 824 14.55 -5.33 40.36
N GLU A 825 13.71 -5.11 41.34
CA GLU A 825 12.78 -6.18 41.78
C GLU A 825 11.84 -6.62 40.65
N LYS A 826 11.87 -5.97 39.49
CA LYS A 826 10.91 -6.33 38.41
C LYS A 826 11.49 -7.47 37.59
N LEU A 827 12.82 -7.53 37.42
CA LEU A 827 13.39 -8.68 36.70
C LEU A 827 13.05 -9.93 37.49
N LEU A 828 12.61 -10.98 36.81
CA LEU A 828 12.21 -12.22 37.52
C LEU A 828 13.45 -12.71 38.23
N MET A 829 14.61 -12.34 37.72
CA MET A 829 15.86 -12.89 38.30
C MET A 829 16.02 -12.45 39.75
N TYR A 830 15.69 -11.19 40.05
CA TYR A 830 15.94 -10.66 41.41
C TYR A 830 15.59 -11.67 42.49
N HIS A 831 14.46 -12.36 42.36
CA HIS A 831 14.09 -13.25 43.50
C HIS A 831 14.34 -14.72 43.18
N HIS A 832 13.90 -15.18 42.02
CA HIS A 832 14.01 -16.63 41.68
C HIS A 832 15.47 -17.08 41.55
N ASP A 833 16.36 -16.24 41.01
CA ASP A 833 17.80 -16.60 40.95
C ASP A 833 18.68 -15.40 41.36
N PRO A 834 19.00 -15.15 42.66
CA PRO A 834 19.73 -13.94 43.02
C PRO A 834 21.17 -13.77 42.52
N GLN A 835 21.98 -14.80 42.62
CA GLN A 835 23.42 -14.62 42.27
C GLN A 835 23.56 -13.95 40.91
N THR A 836 22.82 -14.41 39.90
CA THR A 836 23.03 -13.87 38.53
C THR A 836 22.67 -12.40 38.49
N TYR A 837 21.73 -11.98 39.33
CA TYR A 837 21.47 -10.53 39.37
C TYR A 837 22.75 -9.85 39.84
N GLN A 838 23.49 -10.46 40.78
CA GLN A 838 24.69 -9.75 41.31
C GLN A 838 25.68 -9.55 40.17
N LYS A 839 25.87 -10.59 39.35
CA LYS A 839 26.82 -10.48 38.20
C LYS A 839 26.31 -9.37 37.28
N LEU A 840 25.02 -9.35 36.98
CA LEU A 840 24.57 -8.34 36.01
C LEU A 840 24.83 -6.97 36.63
N LYS A 841 24.55 -6.79 37.91
CA LYS A 841 24.70 -5.45 38.54
C LYS A 841 26.16 -5.02 38.51
N LEU A 842 27.08 -5.93 38.86
CA LEU A 842 28.49 -5.52 38.91
C LEU A 842 28.82 -5.08 37.49
N ILE A 843 28.27 -5.76 36.49
CA ILE A 843 28.66 -5.32 35.12
C ILE A 843 28.06 -3.94 34.84
N MET A 844 26.80 -3.72 35.20
CA MET A 844 26.14 -2.42 34.89
C MET A 844 26.86 -1.29 35.61
N GLU A 845 27.28 -1.47 36.86
CA GLU A 845 27.93 -0.32 37.56
C GLU A 845 29.26 0.05 36.88
N GLN A 846 30.11 -0.93 36.56
CA GLN A 846 31.45 -0.63 36.00
C GLN A 846 31.36 0.07 34.65
N TYR A 847 30.49 -0.38 33.76
CA TYR A 847 30.46 0.20 32.39
C TYR A 847 29.20 1.04 32.22
N GLY A 848 28.69 1.62 33.31
CA GLY A 848 27.41 2.34 33.29
C GLY A 848 27.39 3.51 32.33
N ASP A 849 28.53 4.11 32.06
CA ASP A 849 28.52 5.34 31.23
C ASP A 849 27.91 5.04 29.86
N GLU A 850 28.25 3.90 29.27
CA GLU A 850 27.77 3.61 27.89
C GLU A 850 26.25 3.48 27.88
N LYS A 851 25.60 3.86 26.78
CA LYS A 851 24.12 3.69 26.65
C LYS A 851 23.77 2.22 26.93
N ASN A 852 24.59 1.29 26.45
CA ASN A 852 24.32 -0.14 26.65
C ASN A 852 25.54 -0.79 27.29
N PRO A 853 25.57 -0.95 28.61
CA PRO A 853 26.75 -1.54 29.25
C PRO A 853 27.09 -2.94 28.78
N LEU A 854 26.09 -3.73 28.39
CA LEU A 854 26.36 -5.08 27.93
C LEU A 854 27.14 -5.08 26.62
N TYR A 855 26.81 -4.17 25.70
CA TYR A 855 27.55 -4.09 24.45
C TYR A 855 29.00 -3.69 24.69
N LYS A 856 29.22 -2.73 25.60
CA LYS A 856 30.59 -2.35 25.94
C LYS A 856 31.35 -3.49 26.62
N TYR A 857 30.65 -4.27 27.44
CA TYR A 857 31.26 -5.45 28.03
C TYR A 857 31.68 -6.45 26.96
N TYR A 858 30.82 -6.66 25.97
CA TYR A 858 31.16 -7.55 24.86
C TYR A 858 32.35 -7.03 24.08
N GLU A 859 32.42 -5.72 23.88
CA GLU A 859 33.50 -5.10 23.11
C GLU A 859 34.85 -5.16 23.81
N GLU A 860 34.94 -5.54 25.09
CA GLU A 860 36.23 -5.59 25.77
C GLU A 860 36.56 -7.00 26.26
N THR A 861 35.53 -7.79 26.56
CA THR A 861 35.79 -9.14 27.12
C THR A 861 35.46 -10.21 26.10
N GLY A 862 34.55 -9.92 25.16
CA GLY A 862 34.20 -10.89 24.11
C GLY A 862 33.34 -12.03 24.62
N ASN A 863 32.73 -11.85 25.79
CA ASN A 863 31.89 -12.92 26.38
C ASN A 863 30.50 -12.35 26.65
N TYR A 864 29.45 -13.10 26.32
CA TYR A 864 28.08 -12.65 26.66
C TYR A 864 27.89 -12.85 28.16
N LEU A 865 26.87 -12.25 28.78
CA LEU A 865 26.74 -12.34 30.26
C LEU A 865 26.22 -13.72 30.60
N THR A 866 27.11 -14.61 31.01
CA THR A 866 26.67 -16.00 31.26
C THR A 866 25.96 -16.08 32.61
N LYS A 867 25.12 -17.09 32.80
CA LYS A 867 24.43 -17.29 34.10
C LYS A 867 25.50 -17.65 35.12
N TYR A 868 25.29 -17.27 36.37
CA TYR A 868 26.36 -17.51 37.38
C TYR A 868 26.53 -19.01 37.54
N SER A 869 27.77 -19.47 37.57
CA SER A 869 28.02 -20.91 37.81
C SER A 869 29.30 -21.07 38.63
N LYS A 870 29.39 -22.12 39.44
CA LYS A 870 30.63 -22.39 40.21
C LYS A 870 31.72 -22.82 39.22
N LYS A 871 31.36 -23.57 38.17
CA LYS A 871 32.38 -24.10 37.23
C LYS A 871 32.54 -23.16 36.04
N ASP A 872 31.79 -22.06 35.99
CA ASP A 872 31.85 -21.11 34.85
C ASP A 872 31.50 -21.84 33.55
N ASN A 873 30.58 -22.80 33.61
CA ASN A 873 30.13 -23.53 32.40
C ASN A 873 28.70 -23.08 32.09
N GLY A 874 28.27 -21.96 32.66
CA GLY A 874 26.86 -21.53 32.51
C GLY A 874 26.48 -21.19 31.09
N PRO A 875 25.19 -21.34 30.71
CA PRO A 875 24.74 -20.96 29.39
C PRO A 875 24.70 -19.44 29.18
N VAL A 876 24.58 -18.98 27.94
CA VAL A 876 24.50 -17.53 27.64
C VAL A 876 23.19 -16.97 28.19
N ILE A 877 23.01 -15.66 28.20
CA ILE A 877 21.70 -15.08 28.61
C ILE A 877 21.32 -14.06 27.54
N LYS A 878 20.31 -14.37 26.76
CA LYS A 878 19.88 -13.48 25.67
C LYS A 878 18.47 -12.96 25.92
N LYS A 879 17.65 -13.64 26.73
CA LYS A 879 16.32 -13.07 27.09
C LYS A 879 16.16 -13.09 28.61
N ILE A 880 15.92 -11.93 29.22
CA ILE A 880 15.74 -11.84 30.70
C ILE A 880 14.26 -11.48 30.87
N LYS A 881 13.49 -12.20 31.67
CA LYS A 881 12.02 -11.95 31.71
C LYS A 881 11.66 -11.04 32.86
N TYR A 882 10.65 -10.18 32.71
CA TYR A 882 10.39 -9.26 33.80
C TYR A 882 8.90 -8.97 33.88
N TYR A 883 8.44 -8.70 35.12
CA TYR A 883 6.99 -8.65 35.45
C TYR A 883 6.08 -7.63 34.79
N GLY A 884 6.57 -6.60 34.12
CA GLY A 884 5.62 -5.75 33.38
C GLY A 884 4.44 -5.23 34.19
N ASN A 885 3.20 -5.40 33.73
CA ASN A 885 2.03 -4.79 34.42
C ASN A 885 1.01 -5.83 34.87
N LYS A 886 -0.16 -5.38 35.37
CA LYS A 886 -1.22 -6.32 35.87
C LYS A 886 -2.16 -6.71 34.73
N LEU A 887 -3.05 -7.68 34.95
CA LEU A 887 -3.92 -8.20 33.86
C LEU A 887 -5.36 -7.74 34.07
N ASN A 888 -5.96 -7.07 33.09
CA ASN A 888 -7.34 -6.53 33.22
C ASN A 888 -8.30 -7.23 32.25
N ALA A 889 -7.97 -7.27 30.96
CA ALA A 889 -8.83 -7.93 29.94
C ALA A 889 -8.03 -9.05 29.28
N HIS A 890 -8.61 -10.25 29.17
CA HIS A 890 -7.78 -11.35 28.62
C HIS A 890 -8.63 -12.46 28.01
N LEU A 891 -8.24 -12.96 26.84
CA LEU A 891 -8.95 -14.14 26.27
C LEU A 891 -8.16 -15.31 26.81
N ASP A 892 -8.67 -15.98 27.83
CA ASP A 892 -7.83 -17.02 28.48
C ASP A 892 -7.78 -18.24 27.59
N ILE A 893 -6.60 -18.59 27.10
CA ILE A 893 -6.45 -19.76 26.20
C ILE A 893 -5.75 -20.85 27.00
N THR A 894 -5.78 -20.75 28.32
CA THR A 894 -5.00 -21.71 29.15
C THR A 894 -5.47 -23.14 28.92
N ASP A 895 -6.73 -23.32 28.53
CA ASP A 895 -7.29 -24.69 28.36
C ASP A 895 -6.51 -25.43 27.27
N ASP A 896 -6.09 -24.73 26.21
CA ASP A 896 -5.38 -25.37 25.08
C ASP A 896 -4.02 -25.92 25.55
N TYR A 897 -3.33 -25.20 26.42
CA TYR A 897 -2.00 -25.65 26.89
C TYR A 897 -2.23 -26.50 28.14
N PRO A 898 -1.99 -27.82 28.07
CA PRO A 898 -2.32 -28.71 29.17
C PRO A 898 -1.53 -28.60 30.48
N ASN A 899 -2.20 -28.75 31.62
CA ASN A 899 -1.50 -28.78 32.94
C ASN A 899 -0.64 -27.54 33.15
N SER A 900 -1.11 -26.36 32.81
CA SER A 900 -0.23 -25.16 32.91
C SER A 900 -0.24 -24.66 34.35
N ARG A 901 0.92 -24.61 34.99
CA ARG A 901 1.01 -24.13 36.41
C ARG A 901 0.59 -22.67 36.45
N ASN A 902 0.92 -21.89 35.43
CA ASN A 902 0.61 -20.45 35.40
C ASN A 902 -0.35 -20.18 34.25
N LYS A 903 -1.13 -19.12 34.33
CA LYS A 903 -2.16 -18.88 33.29
C LYS A 903 -1.50 -18.40 32.00
N VAL A 904 -2.14 -18.62 30.85
CA VAL A 904 -1.66 -18.11 29.56
C VAL A 904 -2.79 -17.29 28.95
N VAL A 905 -2.51 -16.03 28.64
CA VAL A 905 -3.55 -15.08 28.26
C VAL A 905 -3.17 -14.35 26.99
N LYS A 906 -4.17 -13.73 26.37
CA LYS A 906 -4.02 -12.79 25.28
C LYS A 906 -4.78 -11.52 25.62
N LEU A 907 -4.36 -10.41 25.00
CA LEU A 907 -4.86 -9.09 25.38
C LEU A 907 -5.60 -8.43 24.23
N SER A 908 -6.23 -7.30 24.54
CA SER A 908 -6.87 -6.41 23.59
C SER A 908 -7.94 -7.13 22.77
N LEU A 909 -8.99 -7.54 23.48
CA LEU A 909 -10.17 -8.09 22.83
C LEU A 909 -10.83 -7.04 21.94
N LYS A 910 -10.81 -7.29 20.64
CA LYS A 910 -11.27 -6.23 19.74
C LYS A 910 -12.78 -6.20 19.74
N PRO A 911 -13.45 -5.09 20.09
CA PRO A 911 -14.91 -5.06 20.18
C PRO A 911 -15.56 -5.04 18.80
N TYR A 912 -16.65 -5.79 18.68
CA TYR A 912 -17.43 -5.85 17.45
C TYR A 912 -18.53 -4.79 17.42
N ARG A 913 -19.35 -4.73 18.46
CA ARG A 913 -20.40 -3.72 18.52
C ARG A 913 -20.78 -3.52 19.98
N PHE A 914 -21.65 -2.54 20.24
CA PHE A 914 -22.16 -2.37 21.59
C PHE A 914 -23.62 -1.96 21.56
N ASP A 915 -24.42 -2.57 22.43
CA ASP A 915 -25.86 -2.35 22.49
C ASP A 915 -26.19 -1.56 23.74
N VAL A 916 -27.01 -0.52 23.58
CA VAL A 916 -27.35 0.38 24.69
C VAL A 916 -28.73 0.03 25.21
N TYR A 917 -28.84 -0.08 26.54
CA TYR A 917 -30.09 -0.37 27.22
C TYR A 917 -30.43 0.76 28.19
N LEU A 918 -31.72 1.03 28.33
CA LEU A 918 -32.23 2.02 29.28
C LEU A 918 -32.94 1.27 30.39
N ASP A 919 -32.28 1.12 31.53
CA ASP A 919 -32.82 0.38 32.67
C ASP A 919 -33.04 1.35 33.83
N ASN A 920 -34.28 1.39 34.34
CA ASN A 920 -34.63 2.20 35.50
C ASN A 920 -34.23 3.66 35.32
N GLY A 921 -34.28 4.13 34.07
CA GLY A 921 -33.98 5.52 33.76
C GLY A 921 -32.52 5.84 33.53
N VAL A 922 -31.62 4.87 33.66
CA VAL A 922 -30.19 5.10 33.43
C VAL A 922 -29.75 4.27 32.23
N TYR A 923 -28.82 4.83 31.45
CA TYR A 923 -28.33 4.20 30.23
C TYR A 923 -27.07 3.40 30.54
N LYS A 924 -27.09 2.11 30.21
CA LYS A 924 -25.91 1.27 30.23
C LYS A 924 -25.71 0.69 28.84
N PHE A 925 -24.60 -0.03 28.66
CA PHE A 925 -24.39 -0.72 27.39
C PHE A 925 -23.60 -1.99 27.63
N VAL A 926 -23.89 -2.99 26.79
CA VAL A 926 -23.19 -4.27 26.80
C VAL A 926 -22.39 -4.37 25.51
N THR A 927 -21.12 -4.74 25.62
CA THR A 927 -20.23 -4.81 24.47
C THR A 927 -20.24 -6.22 23.89
N VAL A 928 -20.80 -6.37 22.70
CA VAL A 928 -20.73 -7.63 21.96
C VAL A 928 -19.34 -7.66 21.35
N LYS A 929 -18.43 -8.37 22.01
CA LYS A 929 -17.07 -8.50 21.52
C LYS A 929 -17.03 -9.39 20.29
N ASN A 930 -16.00 -9.21 19.47
CA ASN A 930 -15.87 -10.00 18.25
C ASN A 930 -15.67 -11.48 18.54
N LEU A 931 -15.16 -11.83 19.73
CA LEU A 931 -14.99 -13.22 20.09
C LEU A 931 -16.31 -13.96 20.28
N ASP A 932 -17.41 -13.23 20.42
CA ASP A 932 -18.72 -13.83 20.69
C ASP A 932 -19.54 -14.02 19.42
N VAL A 933 -18.93 -13.78 18.26
CA VAL A 933 -19.65 -13.98 16.95
C VAL A 933 -19.14 -15.26 16.30
N ILE A 934 -19.67 -16.43 16.69
CA ILE A 934 -19.17 -17.73 16.15
C ILE A 934 -19.68 -17.91 14.73
N LYS A 935 -18.96 -18.67 13.91
CA LYS A 935 -19.34 -18.77 12.49
C LYS A 935 -19.85 -20.17 12.16
N LYS A 936 -21.11 -20.26 11.74
CA LYS A 936 -21.63 -21.57 11.30
C LYS A 936 -21.97 -21.41 9.82
N GLU A 937 -21.20 -22.04 8.93
CA GLU A 937 -21.47 -21.99 7.47
C GLU A 937 -21.59 -20.54 7.00
N ASN A 938 -22.61 -20.23 6.21
CA ASN A 938 -22.80 -18.85 5.69
C ASN A 938 -23.17 -17.85 6.78
N TYR A 939 -24.05 -18.20 7.72
CA TYR A 939 -24.52 -17.19 8.71
C TYR A 939 -23.50 -16.92 9.81
N TYR A 940 -23.49 -15.70 10.36
CA TYR A 940 -22.63 -15.37 11.52
C TYR A 940 -23.59 -15.09 12.67
N GLU A 941 -23.47 -15.76 13.82
CA GLU A 941 -24.48 -15.65 14.90
C GLU A 941 -23.82 -15.29 16.24
N VAL A 942 -24.45 -14.41 17.02
CA VAL A 942 -23.89 -13.96 18.33
C VAL A 942 -24.06 -15.06 19.38
N ASN A 943 -22.96 -15.56 19.95
CA ASN A 943 -22.99 -16.62 20.94
C ASN A 943 -23.96 -16.23 22.07
N SER A 944 -25.05 -16.98 22.19
CA SER A 944 -26.09 -16.62 23.15
C SER A 944 -25.58 -16.70 24.58
N LYS A 945 -24.80 -17.73 24.91
CA LYS A 945 -24.33 -17.89 26.29
C LYS A 945 -23.39 -16.76 26.69
N CYS A 946 -22.41 -16.45 25.83
CA CYS A 946 -21.49 -15.36 26.16
C CYS A 946 -22.19 -14.01 26.18
N TYR A 947 -23.14 -13.79 25.28
CA TYR A 947 -23.90 -12.54 25.30
C TYR A 947 -24.71 -12.41 26.58
N GLU A 948 -25.33 -13.50 27.03
CA GLU A 948 -26.07 -13.45 28.29
C GLU A 948 -25.15 -13.20 29.47
N GLU A 949 -23.97 -13.83 29.47
CA GLU A 949 -23.02 -13.59 30.55
C GLU A 949 -22.57 -12.14 30.58
N ALA A 950 -22.30 -11.56 29.41
CA ALA A 950 -21.91 -10.15 29.36
C ALA A 950 -23.06 -9.24 29.79
N LYS A 951 -24.29 -9.58 29.42
CA LYS A 951 -25.44 -8.78 29.83
C LYS A 951 -25.62 -8.81 31.33
N LYS A 952 -25.45 -9.99 31.95
CA LYS A 952 -25.57 -10.08 33.40
C LYS A 952 -24.41 -9.39 34.12
N LEU A 953 -23.22 -9.40 33.51
CA LEU A 953 -22.07 -8.76 34.12
C LEU A 953 -22.25 -7.25 34.24
N LYS A 954 -23.12 -6.66 33.44
CA LYS A 954 -23.39 -5.22 33.49
C LYS A 954 -24.53 -4.85 34.42
N LYS A 955 -25.08 -5.83 35.14
CA LYS A 955 -26.21 -5.60 36.06
C LYS A 955 -27.41 -5.03 35.29
N ILE A 956 -27.87 -5.79 34.31
CA ILE A 956 -28.99 -5.41 33.46
C ILE A 956 -30.18 -6.31 33.80
N SER A 957 -31.31 -5.71 34.11
CA SER A 957 -32.51 -6.47 34.41
C SER A 957 -33.09 -7.07 33.14
N ASN A 958 -33.99 -8.03 33.31
CA ASN A 958 -34.57 -8.74 32.18
C ASN A 958 -35.67 -7.96 31.48
N GLN A 959 -36.19 -6.89 32.07
CA GLN A 959 -37.19 -6.07 31.44
C GLN A 959 -36.62 -4.77 30.88
N ALA A 960 -35.30 -4.63 30.84
CA ALA A 960 -34.68 -3.41 30.36
C ALA A 960 -35.03 -3.16 28.90
N GLU A 961 -35.47 -1.94 28.61
CA GLU A 961 -35.87 -1.59 27.24
C GLU A 961 -34.64 -1.41 26.37
N PHE A 962 -34.73 -1.90 25.13
CA PHE A 962 -33.63 -1.83 24.18
C PHE A 962 -33.75 -0.58 23.33
N ILE A 963 -32.64 0.15 23.22
CA ILE A 963 -32.65 1.44 22.53
C ILE A 963 -32.05 1.29 21.13
N ALA A 964 -30.79 0.86 21.07
CA ALA A 964 -30.11 0.76 19.78
C ALA A 964 -28.88 -0.13 19.94
N SER A 965 -28.33 -0.52 18.78
CA SER A 965 -27.07 -1.24 18.71
C SER A 965 -26.16 -0.50 17.74
N PHE A 966 -24.93 -0.22 18.17
CA PHE A 966 -24.00 0.57 17.39
C PHE A 966 -22.83 -0.30 16.95
N TYR A 967 -22.58 -0.33 15.64
CA TYR A 967 -21.37 -0.86 15.06
C TYR A 967 -20.35 0.28 14.91
N ASN A 968 -19.28 0.04 14.17
CA ASN A 968 -18.32 1.11 13.90
C ASN A 968 -18.95 2.16 12.99
N ASN A 969 -18.70 3.43 13.32
CA ASN A 969 -19.03 4.60 12.51
C ASN A 969 -20.53 4.87 12.40
N ASP A 970 -21.38 4.11 13.10
CA ASP A 970 -22.78 4.51 13.22
C ASP A 970 -22.88 5.77 14.06
N LEU A 971 -23.72 6.70 13.62
CA LEU A 971 -23.77 8.00 14.28
C LEU A 971 -24.53 7.88 15.59
N ILE A 972 -23.97 8.45 16.65
CA ILE A 972 -24.57 8.46 17.97
C ILE A 972 -24.88 9.90 18.35
N LYS A 973 -25.93 10.09 19.13
CA LYS A 973 -26.32 11.40 19.63
C LYS A 973 -26.42 11.31 21.14
N ILE A 974 -25.37 11.82 21.80
CA ILE A 974 -25.28 11.72 23.29
C ILE A 974 -25.52 13.11 23.87
N ASN A 975 -26.63 13.30 24.58
CA ASN A 975 -26.91 14.60 25.24
C ASN A 975 -26.99 15.70 24.19
N GLY A 976 -27.31 15.35 22.94
CA GLY A 976 -27.51 16.39 21.91
C GLY A 976 -26.31 16.67 21.02
N GLU A 977 -25.12 16.14 21.33
CA GLU A 977 -23.97 16.36 20.42
C GLU A 977 -23.73 15.11 19.59
N LEU A 978 -23.81 15.23 18.26
CA LEU A 978 -23.62 14.07 17.36
C LEU A 978 -22.14 13.65 17.32
N TYR A 979 -21.86 12.36 17.20
CA TYR A 979 -20.47 11.85 17.14
C TYR A 979 -20.48 10.56 16.32
N ARG A 980 -19.32 10.05 15.90
CA ARG A 980 -19.26 8.76 15.17
C ARG A 980 -18.44 7.78 15.99
N VAL A 981 -19.00 6.63 16.35
CA VAL A 981 -18.32 5.71 17.24
C VAL A 981 -17.14 5.07 16.51
N ILE A 982 -15.99 5.01 17.16
CA ILE A 982 -14.82 4.33 16.60
C ILE A 982 -14.75 2.96 17.24
N GLY A 983 -15.31 2.83 18.43
CA GLY A 983 -15.30 1.59 19.19
C GLY A 983 -15.17 1.90 20.66
N VAL A 984 -15.66 0.96 21.48
CA VAL A 984 -15.63 1.15 22.93
C VAL A 984 -14.19 1.07 23.40
N ASN A 985 -13.79 2.00 24.28
CA ASN A 985 -12.41 2.00 24.80
C ASN A 985 -12.32 0.96 25.91
N ASN A 986 -12.93 1.22 27.05
CA ASN A 986 -12.96 0.17 28.11
C ASN A 986 -14.40 -0.12 28.49
N ASP A 987 -14.82 -1.37 28.36
CA ASP A 987 -16.21 -1.76 28.72
C ASP A 987 -16.45 -1.68 30.22
N LEU A 988 -15.48 -2.08 31.04
CA LEU A 988 -15.72 -2.13 32.51
C LEU A 988 -16.03 -0.73 33.03
N LEU A 989 -15.33 0.28 32.51
CA LEU A 989 -15.52 1.66 33.01
C LEU A 989 -16.59 2.35 32.16
N ASN A 990 -17.22 1.64 31.23
CA ASN A 990 -18.31 2.22 30.42
C ASN A 990 -17.83 3.44 29.63
N ARG A 991 -16.67 3.36 28.97
CA ARG A 991 -16.15 4.47 28.14
C ARG A 991 -16.23 4.11 26.65
N ILE A 992 -16.85 4.95 25.80
CA ILE A 992 -16.88 4.70 24.33
C ILE A 992 -16.01 5.77 23.65
N GLU A 993 -15.56 5.55 22.41
CA GLU A 993 -14.64 6.52 21.75
C GLU A 993 -15.34 7.10 20.53
N VAL A 994 -15.40 8.42 20.44
CA VAL A 994 -16.10 9.08 19.31
C VAL A 994 -15.20 10.15 18.69
N ASN A 995 -15.12 10.22 17.36
CA ASN A 995 -14.37 11.30 16.67
C ASN A 995 -15.43 12.14 15.98
N MET A 996 -15.29 13.46 15.93
CA MET A 996 -16.39 14.30 15.41
C MET A 996 -16.74 13.95 13.96
N ILE A 997 -17.99 14.21 13.54
CA ILE A 997 -18.47 13.87 12.17
C ILE A 997 -17.79 14.75 11.12
N ASP A 998 -17.63 16.05 11.37
CA ASP A 998 -17.13 16.97 10.31
C ASP A 998 -15.62 16.93 10.19
N ILE A 999 -14.89 17.20 11.26
CA ILE A 999 -13.42 17.33 11.15
C ILE A 999 -12.76 16.37 12.13
N THR A 1000 -11.73 15.65 11.71
CA THR A 1000 -11.16 14.69 12.67
C THR A 1000 -10.66 15.50 13.88
N TYR A 1001 -10.92 15.05 15.11
CA TYR A 1001 -10.57 15.83 16.33
C TYR A 1001 -9.14 16.35 16.23
N ARG A 1002 -8.21 15.53 15.80
CA ARG A 1002 -6.79 15.96 15.77
C ARG A 1002 -6.74 17.32 15.09
N GLU A 1003 -7.44 17.46 13.97
CA GLU A 1003 -7.50 18.77 13.30
C GLU A 1003 -8.25 19.80 14.15
N TYR A 1004 -9.31 19.39 14.84
CA TYR A 1004 -10.10 20.39 15.60
C TYR A 1004 -9.19 21.01 16.66
N LEU A 1005 -8.24 20.22 17.17
CA LEU A 1005 -7.28 20.75 18.19
C LEU A 1005 -6.31 21.75 17.55
N GLU A 1006 -5.91 21.57 16.29
CA GLU A 1006 -4.89 22.46 15.73
C GLU A 1006 -5.45 23.81 15.35
N ASN A 1007 -6.73 23.81 14.97
CA ASN A 1007 -7.37 25.07 14.57
C ASN A 1007 -7.70 25.83 15.84
N MET A 1008 -7.39 25.24 17.00
CA MET A 1008 -7.55 26.01 18.27
C MET A 1008 -6.21 26.01 18.99
N ASN A 1009 -5.22 25.32 18.43
CA ASN A 1009 -3.86 25.25 19.02
C ASN A 1009 -3.93 24.65 20.43
N ASP A 1010 -4.99 23.93 20.75
CA ASP A 1010 -5.09 23.26 22.07
C ASP A 1010 -4.16 22.03 22.09
N LYS A 1011 -3.79 21.56 23.27
CA LYS A 1011 -2.87 20.40 23.39
C LYS A 1011 -3.54 19.24 24.13
N ARG A 1012 -4.89 19.21 24.15
CA ARG A 1012 -5.62 18.11 24.83
C ARG A 1012 -5.34 16.81 24.06
N PRO A 1013 -5.53 15.62 24.64
CA PRO A 1013 -5.16 14.37 23.97
C PRO A 1013 -6.01 14.15 22.71
N PRO A 1014 -5.53 13.43 21.65
CA PRO A 1014 -6.27 13.36 20.39
C PRO A 1014 -7.54 12.53 20.21
N ARG A 1015 -7.97 11.73 21.19
CA ARG A 1015 -9.16 10.88 20.96
C ARG A 1015 -10.28 11.30 21.91
N ILE A 1016 -11.38 11.90 21.42
CA ILE A 1016 -12.46 12.21 22.39
C ILE A 1016 -12.90 10.88 22.96
N ILE A 1017 -13.01 10.75 24.28
CA ILE A 1017 -13.56 9.51 24.88
C ILE A 1017 -14.74 9.94 25.75
N LYS A 1018 -15.94 9.41 25.51
CA LYS A 1018 -17.12 9.88 26.26
C LYS A 1018 -17.64 8.73 27.13
N THR A 1019 -18.37 9.03 28.20
CA THR A 1019 -18.81 7.98 29.15
C THR A 1019 -20.34 7.89 29.16
N ILE A 1020 -20.89 6.68 29.01
CA ILE A 1020 -22.36 6.51 28.94
C ILE A 1020 -22.89 6.05 30.30
N ALA A 1021 -22.03 5.79 31.27
CA ALA A 1021 -22.49 5.17 32.55
C ALA A 1021 -23.53 5.98 33.29
N SER A 1022 -23.35 7.29 33.43
CA SER A 1022 -24.31 8.07 34.24
C SER A 1022 -24.29 9.52 33.77
N LYS A 1023 -25.35 10.28 34.06
CA LYS A 1023 -25.44 11.70 33.62
C LYS A 1023 -25.57 11.71 32.09
N THR A 1024 -25.92 10.57 31.50
CA THR A 1024 -26.14 10.52 30.04
C THR A 1024 -27.64 10.63 29.82
N GLN A 1025 -28.13 11.83 29.52
CA GLN A 1025 -29.59 12.06 29.36
C GLN A 1025 -30.14 11.32 28.14
N SER A 1026 -29.41 11.31 27.02
CA SER A 1026 -29.97 10.70 25.78
C SER A 1026 -28.91 9.97 24.96
N ILE A 1027 -29.24 8.81 24.40
CA ILE A 1027 -28.31 8.07 23.50
C ILE A 1027 -29.13 7.62 22.30
N LYS A 1028 -29.30 8.50 21.32
CA LYS A 1028 -30.07 8.13 20.13
C LYS A 1028 -29.13 7.72 19.01
N LYS A 1029 -29.68 7.06 18.01
CA LYS A 1029 -28.90 6.57 16.86
C LYS A 1029 -29.29 7.34 15.61
N TYR A 1030 -28.31 7.94 14.95
CA TYR A 1030 -28.63 8.61 13.67
C TYR A 1030 -27.87 7.83 12.60
N SER A 1031 -28.38 7.78 11.37
CA SER A 1031 -27.66 7.10 10.26
C SER A 1031 -27.69 7.98 9.02
N THR A 1032 -26.72 7.81 8.12
CA THR A 1032 -26.65 8.68 6.93
C THR A 1032 -26.48 7.84 5.66
N ASP A 1033 -27.21 8.17 4.59
CA ASP A 1033 -27.16 7.38 3.33
C ASP A 1033 -25.88 7.69 2.57
N ILE A 1034 -25.60 6.98 1.48
CA ILE A 1034 -24.29 7.18 0.81
C ILE A 1034 -24.17 8.65 0.44
N LEU A 1035 -25.25 9.27 -0.02
CA LEU A 1035 -25.14 10.73 -0.29
C LEU A 1035 -24.80 11.48 0.99
N GLY A 1036 -25.48 11.21 2.10
CA GLY A 1036 -25.20 12.04 3.30
C GLY A 1036 -26.41 12.65 3.98
N ASN A 1037 -27.63 12.34 3.58
CA ASN A 1037 -28.80 12.84 4.34
C ASN A 1037 -28.76 12.23 5.73
N LEU A 1038 -29.18 12.94 6.79
CA LEU A 1038 -29.13 12.44 8.20
C LEU A 1038 -30.55 12.08 8.66
N TYR A 1039 -30.86 10.79 8.79
CA TYR A 1039 -32.23 10.34 9.14
C TYR A 1039 -32.17 9.59 10.46
N GLU A 1040 -32.94 10.03 11.47
CA GLU A 1040 -32.86 9.37 12.79
C GLU A 1040 -33.33 7.94 12.58
N VAL A 1041 -32.62 6.96 13.12
CA VAL A 1041 -32.99 5.55 12.80
C VAL A 1041 -33.76 4.94 13.97
N LYS A 1042 -34.96 4.45 13.71
CA LYS A 1042 -35.75 3.76 14.75
C LYS A 1042 -35.45 2.27 14.60
N SER A 1043 -34.69 1.68 15.52
CA SER A 1043 -34.27 0.26 15.31
C SER A 1043 -35.30 -0.76 15.80
N LYS A 1044 -34.98 -2.04 15.65
CA LYS A 1044 -35.91 -3.14 16.05
C LYS A 1044 -35.83 -3.35 17.56
N LYS A 1045 -36.79 -4.08 18.14
CA LYS A 1045 -36.84 -4.25 19.62
C LYS A 1045 -36.00 -5.42 20.15
N HIS A 1046 -35.43 -6.26 19.27
CA HIS A 1046 -34.52 -7.34 19.77
C HIS A 1046 -33.16 -7.18 19.12
N PRO A 1047 -32.02 -7.23 19.84
CA PRO A 1047 -30.72 -6.97 19.23
C PRO A 1047 -30.45 -8.02 18.15
N GLN A 1048 -29.81 -7.63 17.04
CA GLN A 1048 -29.64 -8.57 15.90
C GLN A 1048 -28.82 -9.78 16.32
N ILE A 1049 -29.29 -10.98 15.99
CA ILE A 1049 -28.57 -12.23 16.37
C ILE A 1049 -27.90 -12.82 15.13
N ILE A 1050 -28.59 -12.85 13.99
CA ILE A 1050 -28.01 -13.53 12.79
C ILE A 1050 -27.73 -12.53 11.67
N LYS A 1051 -26.46 -12.34 11.30
CA LYS A 1051 -26.09 -11.44 10.18
C LYS A 1051 -25.79 -12.38 9.02
N LYS A 1052 -26.35 -12.14 7.83
CA LYS A 1052 -26.23 -13.14 6.74
C LYS A 1052 -24.78 -13.38 6.38
N GLY A 1053 -23.99 -12.32 6.31
CA GLY A 1053 -22.60 -12.50 5.88
C GLY A 1053 -22.51 -13.46 4.72
N ASP C 5 17.64 16.80 7.12
CA ASP C 5 16.63 15.93 6.48
C ASP C 5 16.94 14.47 6.80
N THR C 6 15.94 13.71 7.24
CA THR C 6 16.14 12.26 7.51
C THR C 6 14.80 11.53 7.32
N TRP C 7 14.83 10.33 6.76
CA TRP C 7 13.60 9.52 6.65
C TRP C 7 13.80 8.32 7.55
N ILE C 8 12.88 8.07 8.48
CA ILE C 8 12.99 6.89 9.39
C ILE C 8 11.84 5.95 9.05
N VAL C 9 12.13 4.70 8.71
CA VAL C 9 11.06 3.75 8.30
C VAL C 9 10.94 2.67 9.38
N TYR C 10 9.72 2.46 9.93
CA TYR C 10 9.53 1.49 11.03
C TYR C 10 9.03 0.19 10.43
N ARG C 11 9.79 -0.89 10.56
CA ARG C 11 9.28 -2.19 10.07
C ARG C 11 8.96 -2.99 11.31
N GLY C 12 7.71 -3.36 11.49
CA GLY C 12 7.32 -4.12 12.67
C GLY C 12 6.65 -5.40 12.25
N ARG C 13 7.12 -6.51 12.77
CA ARG C 13 6.56 -7.80 12.38
C ARG C 13 5.77 -8.34 13.56
N THR C 14 4.67 -9.05 13.33
CA THR C 14 3.92 -9.64 14.45
C THR C 14 4.70 -10.82 14.91
N ALA C 15 4.40 -11.35 16.07
CA ALA C 15 5.27 -12.37 16.68
C ALA C 15 5.54 -13.56 15.80
N ASP C 16 4.64 -13.84 14.88
CA ASP C 16 4.82 -15.05 14.08
C ASP C 16 5.69 -14.74 12.86
N MET C 17 6.03 -13.48 12.68
CA MET C 17 6.84 -13.05 11.53
C MET C 17 5.95 -13.10 10.28
N ASN C 18 4.64 -13.22 10.45
CA ASN C 18 3.76 -13.38 9.28
C ASN C 18 3.14 -12.07 8.83
N LYS C 19 2.45 -11.33 9.68
CA LYS C 19 1.74 -10.12 9.23
C LYS C 19 2.64 -8.96 9.51
N SER C 20 2.93 -8.09 8.55
CA SER C 20 3.94 -7.03 8.78
C SER C 20 3.36 -5.62 8.71
N TYR C 21 3.69 -4.77 9.67
CA TYR C 21 3.13 -3.40 9.73
C TYR C 21 4.28 -2.45 9.45
N ILE C 22 4.13 -1.45 8.58
CA ILE C 22 5.28 -0.59 8.20
C ILE C 22 4.83 0.87 8.09
N ALA C 23 5.49 1.77 8.79
CA ALA C 23 5.15 3.19 8.66
C ALA C 23 6.42 4.01 8.60
N GLU C 24 6.36 5.19 7.99
CA GLU C 24 7.59 5.99 7.83
C GLU C 24 7.28 7.47 7.94
N GLY C 25 8.22 8.27 8.46
CA GLY C 25 8.02 9.72 8.65
C GLY C 25 9.34 10.45 8.92
N SER C 26 9.34 11.79 8.94
CA SER C 26 10.59 12.57 9.08
C SER C 26 11.28 12.47 10.45
N THR C 27 10.54 12.66 11.55
CA THR C 27 11.15 12.63 12.90
C THR C 27 10.47 11.48 13.62
N TYR C 28 11.10 10.86 14.62
CA TYR C 28 10.40 9.66 15.15
C TYR C 28 8.95 10.01 15.50
N GLU C 29 8.68 11.25 15.87
CA GLU C 29 7.31 11.66 16.28
C GLU C 29 6.40 11.41 15.10
N GLU C 30 6.91 11.72 13.91
CA GLU C 30 6.10 11.46 12.70
C GLU C 30 5.86 9.95 12.60
N VAL C 31 6.85 9.12 12.95
CA VAL C 31 6.63 7.67 12.77
C VAL C 31 5.43 7.28 13.64
N TYR C 32 5.40 7.74 14.89
CA TYR C 32 4.30 7.32 15.78
C TYR C 32 3.01 7.87 15.21
N ASN C 33 3.02 9.11 14.74
CA ASN C 33 1.73 9.69 14.29
C ASN C 33 1.22 8.91 13.07
N ASN C 34 2.09 8.53 12.14
CA ASN C 34 1.57 7.71 11.02
C ASN C 34 1.09 6.34 11.52
N PHE C 35 1.84 5.67 12.39
CA PHE C 35 1.45 4.29 12.81
C PHE C 35 0.11 4.33 13.52
N VAL C 36 -0.20 5.40 14.24
CA VAL C 36 -1.52 5.36 14.94
C VAL C 36 -2.61 5.78 13.97
N ASP C 37 -2.25 6.42 12.86
CA ASP C 37 -3.31 6.71 11.86
C ASP C 37 -3.51 5.50 10.93
N LYS C 38 -2.51 5.11 10.15
CA LYS C 38 -2.70 4.04 9.15
C LYS C 38 -3.15 2.76 9.82
N TYR C 39 -2.40 2.21 10.76
CA TYR C 39 -2.74 0.87 11.30
C TYR C 39 -3.58 0.93 12.58
N GLY C 40 -4.22 2.05 12.91
CA GLY C 40 -5.14 2.09 14.07
C GLY C 40 -4.46 2.43 15.38
N TYR C 41 -5.21 2.70 16.46
CA TYR C 41 -4.60 3.17 17.72
C TYR C 41 -4.25 2.04 18.68
N ASP C 42 -4.77 0.83 18.45
CA ASP C 42 -4.53 -0.25 19.44
C ASP C 42 -3.51 -1.28 18.94
N VAL C 43 -2.88 -1.02 17.80
CA VAL C 43 -1.82 -1.96 17.33
C VAL C 43 -0.70 -1.92 18.35
N LEU C 44 -0.34 -0.75 18.86
CA LEU C 44 0.69 -0.66 19.94
C LEU C 44 0.01 -0.95 21.26
N ASP C 45 0.77 -1.10 22.35
CA ASP C 45 0.14 -1.48 23.65
C ASP C 45 -0.82 -0.39 24.07
N GLU C 46 -1.89 -0.75 24.77
CA GLU C 46 -2.94 0.26 25.10
C GLU C 46 -2.40 1.37 25.99
N ASP C 47 -2.69 2.64 25.64
CA ASP C 47 -2.29 3.81 26.44
C ASP C 47 -0.77 3.91 26.59
N ILE C 48 0.02 3.70 25.54
CA ILE C 48 1.49 3.79 25.77
C ILE C 48 1.90 5.27 25.76
N TYR C 49 1.29 6.10 24.91
CA TYR C 49 1.75 7.51 24.84
C TYR C 49 1.57 8.15 26.21
N GLU C 50 0.42 7.89 26.83
CA GLU C 50 0.16 8.50 28.15
C GLU C 50 1.17 7.91 29.13
N ILE C 51 1.34 6.60 29.13
CA ILE C 51 2.23 6.02 30.17
C ILE C 51 3.60 6.67 30.03
N GLN C 52 4.14 6.82 28.82
CA GLN C 52 5.51 7.39 28.73
C GLN C 52 5.46 8.83 29.24
N LEU C 53 4.42 9.59 28.92
CA LEU C 53 4.41 11.01 29.34
C LEU C 53 4.43 11.03 30.86
N LEU C 54 3.59 10.19 31.48
CA LEU C 54 3.51 10.24 32.96
C LEU C 54 4.89 9.87 33.50
N LYS C 55 5.52 8.83 32.95
CA LYS C 55 6.82 8.36 33.48
C LYS C 55 7.88 9.46 33.34
N LYS C 56 7.91 10.16 32.21
CA LYS C 56 8.90 11.24 31.94
C LYS C 56 8.68 12.41 32.91
N ASN C 57 7.42 12.78 33.13
CA ASN C 57 7.16 13.85 34.13
C ASN C 57 7.67 13.36 35.49
N GLY C 58 7.52 12.08 35.79
CA GLY C 58 8.10 11.53 37.03
C GLY C 58 7.05 10.97 37.96
N GLU C 59 5.80 10.92 37.52
CA GLU C 59 4.70 10.45 38.40
C GLU C 59 4.87 8.94 38.63
N ASN C 60 4.33 8.43 39.74
CA ASN C 60 4.39 6.96 39.99
C ASN C 60 3.27 6.31 39.19
N LEU C 61 3.59 5.38 38.30
CA LEU C 61 2.56 4.78 37.43
C LEU C 61 1.53 4.03 38.29
N ASP C 62 1.96 3.35 39.36
CA ASP C 62 1.03 2.50 40.14
C ASP C 62 -0.15 3.31 40.66
N ASP C 63 0.06 4.56 41.05
CA ASP C 63 -1.05 5.34 41.65
C ASP C 63 -2.19 5.44 40.63
N TYR C 64 -1.87 5.61 39.35
CA TYR C 64 -2.91 5.77 38.30
C TYR C 64 -3.49 4.40 37.90
N ASP C 65 -3.10 3.34 38.61
CA ASP C 65 -3.58 1.96 38.32
C ASP C 65 -3.17 1.55 36.91
N VAL C 66 -1.87 1.47 36.64
CA VAL C 66 -1.42 0.98 35.30
C VAL C 66 -1.88 -0.48 35.19
N ASP C 67 -2.45 -0.85 34.05
CA ASP C 67 -2.98 -2.23 33.84
C ASP C 67 -2.63 -2.63 32.41
N SER C 68 -2.98 -3.84 31.98
CA SER C 68 -2.74 -4.17 30.56
C SER C 68 -3.54 -3.17 29.73
N ASP C 69 -4.75 -2.84 30.16
CA ASP C 69 -5.54 -1.80 29.45
C ASP C 69 -4.82 -0.46 29.62
N GLY C 70 -3.99 -0.32 30.66
CA GLY C 70 -3.18 0.91 30.79
C GLY C 70 -3.78 1.83 31.82
N ILE C 71 -3.71 3.14 31.62
CA ILE C 71 -4.25 4.02 32.68
C ILE C 71 -5.69 3.62 32.86
N ASN C 72 -6.06 3.28 34.09
CA ASN C 72 -7.42 2.81 34.38
C ASN C 72 -8.06 3.85 35.28
N ASN C 73 -7.26 4.69 35.93
CA ASN C 73 -7.83 5.79 36.75
C ASN C 73 -7.89 7.03 35.88
N TYR C 74 -8.88 7.10 34.97
CA TYR C 74 -8.91 8.24 34.02
C TYR C 74 -9.02 9.54 34.79
N ASP C 75 -9.81 9.56 35.86
CA ASP C 75 -10.02 10.81 36.64
C ASP C 75 -8.69 11.47 36.97
N LYS C 76 -7.73 10.71 37.50
CA LYS C 76 -6.46 11.32 37.94
C LYS C 76 -5.66 11.76 36.70
N LEU C 77 -5.64 10.94 35.65
CA LEU C 77 -4.84 11.26 34.45
C LEU C 77 -5.25 12.64 34.00
N ASP C 78 -6.56 12.84 33.91
CA ASP C 78 -7.06 14.17 33.49
C ASP C 78 -6.45 15.24 34.42
N GLU C 79 -6.31 15.00 35.72
CA GLU C 79 -5.71 16.10 36.53
C GLU C 79 -4.26 16.34 36.11
N PHE C 80 -3.51 15.26 35.87
CA PHE C 80 -2.08 15.43 35.53
C PHE C 80 -2.01 16.23 34.23
N ARG C 81 -2.90 15.94 33.31
CA ARG C 81 -2.88 16.63 32.01
C ARG C 81 -3.08 18.12 32.27
N GLU C 82 -3.89 18.45 33.25
CA GLU C 82 -4.18 19.89 33.54
C GLU C 82 -2.87 20.60 33.88
N SER C 83 -2.04 19.99 34.72
CA SER C 83 -0.72 20.59 35.05
C SER C 83 0.12 20.67 33.78
N ASP C 84 0.90 21.74 33.62
CA ASP C 84 1.81 21.85 32.45
C ASP C 84 2.76 20.64 32.49
N TYR C 85 2.56 19.68 31.58
CA TYR C 85 3.39 18.46 31.63
C TYR C 85 4.68 18.82 30.93
N VAL C 86 5.72 18.00 31.07
CA VAL C 86 6.97 18.21 30.28
C VAL C 86 6.83 17.29 29.07
N ASP C 87 6.83 17.84 27.85
CA ASP C 87 6.52 17.02 26.65
C ASP C 87 7.63 16.04 26.28
N LEU C 88 7.32 15.05 25.43
CA LEU C 88 8.30 14.03 25.00
C LEU C 88 9.33 14.69 24.10
N GLU C 89 10.56 14.17 24.02
CA GLU C 89 11.64 14.87 23.28
C GLU C 89 11.98 14.25 21.92
N ASP C 90 11.03 13.60 21.24
CA ASP C 90 11.25 13.11 19.86
C ASP C 90 12.42 12.13 19.83
N TYR C 91 12.94 11.74 20.97
CA TYR C 91 13.96 10.67 20.99
C TYR C 91 13.32 9.54 21.78
N ASP C 92 12.15 9.81 22.36
CA ASP C 92 11.46 8.78 23.17
C ASP C 92 10.25 8.21 22.45
N TYR C 93 9.93 8.66 21.25
CA TYR C 93 8.83 8.00 20.50
C TYR C 93 9.38 6.64 20.08
N ARG C 94 10.70 6.56 19.99
CA ARG C 94 11.31 5.26 19.69
C ARG C 94 10.99 4.36 20.87
N GLU C 95 11.07 4.91 22.08
CA GLU C 95 10.84 4.05 23.26
C GLU C 95 9.38 3.66 23.26
N LEU C 96 8.51 4.54 22.77
CA LEU C 96 7.05 4.26 22.78
C LEU C 96 6.80 3.05 21.88
N PHE C 97 7.53 2.95 20.78
CA PHE C 97 7.33 1.82 19.85
C PHE C 97 8.02 0.58 20.39
N GLU C 98 9.15 0.72 21.07
CA GLU C 98 9.90 -0.49 21.49
C GLU C 98 9.49 -0.97 22.88
N ASN C 99 8.46 -0.38 23.48
CA ASN C 99 7.98 -0.90 24.79
C ASN C 99 6.58 -1.49 24.58
N SER C 100 6.18 -1.67 23.32
CA SER C 100 4.87 -2.30 23.05
C SER C 100 5.10 -3.65 22.40
N SER C 101 4.54 -4.69 22.99
CA SER C 101 4.71 -6.05 22.45
C SER C 101 3.36 -6.73 22.22
N SER C 102 2.27 -5.98 22.36
CA SER C 102 0.96 -6.64 22.21
C SER C 102 0.87 -7.24 20.82
N GLN C 103 0.94 -6.44 19.76
CA GLN C 103 0.95 -7.06 18.42
C GLN C 103 2.31 -6.91 17.75
N VAL C 104 2.93 -5.73 17.79
CA VAL C 104 4.19 -5.54 17.03
C VAL C 104 5.37 -6.06 17.85
N TYR C 105 5.51 -7.38 17.99
CA TYR C 105 6.58 -7.93 18.88
C TYR C 105 7.98 -7.61 18.38
N TYR C 106 8.27 -7.77 17.10
CA TYR C 106 9.67 -7.53 16.67
C TYR C 106 9.72 -6.18 15.98
N HIS C 107 10.41 -5.19 16.56
CA HIS C 107 10.43 -3.83 15.97
C HIS C 107 11.84 -3.47 15.55
N GLU C 108 12.03 -3.08 14.29
CA GLU C 108 13.38 -2.76 13.75
C GLU C 108 13.29 -1.44 12.98
N PHE C 109 14.00 -0.39 13.45
CA PHE C 109 13.90 0.95 12.83
C PHE C 109 15.11 1.18 11.93
N GLU C 110 14.89 1.59 10.67
CA GLU C 110 16.02 1.92 9.76
C GLU C 110 16.03 3.43 9.51
N ILE C 111 17.16 4.09 9.76
CA ILE C 111 17.20 5.57 9.64
C ILE C 111 18.10 5.94 8.46
N THR C 112 17.54 6.61 7.46
CA THR C 112 18.30 6.98 6.25
C THR C 112 18.57 8.48 6.28
N HIS C 113 19.83 8.88 6.11
CA HIS C 113 20.18 10.31 6.09
C HIS C 113 20.55 10.70 4.66
N GLU C 114 19.87 11.70 4.09
CA GLU C 114 20.18 12.16 2.72
C GLU C 114 19.48 13.51 2.47
#